data_3RRA
#
_entry.id   3RRA
#
_cell.length_a   117.339
_cell.length_b   117.339
_cell.length_c   113.685
_cell.angle_alpha   90.00
_cell.angle_beta   90.00
_cell.angle_gamma   90.00
#
_symmetry.space_group_name_H-M   'I 4'
#
loop_
_entity.id
_entity.type
_entity.pdbx_description
1 polymer 'Putative D-galactonate dehydratase'
2 non-polymer 'CHLORIDE ION'
3 non-polymer 'MAGNESIUM ION'
4 water water
#
_entity_poly.entity_id   1
_entity_poly.type   'polypeptide(L)'
_entity_poly.pdbx_seq_one_letter_code
;MVKITRLTTYRLPPRWMFLKVETDEGVTGWGEPVIEGRARTVEAAVHELSDYLIGQDPSRINDLWQTMYRAGFYRGGPIL
MSAIAGIDQALWDIKGKVLGVPVYELLGGLVRDKMRTYSWVGGDRPADVIAGMKALQAGGFDHFKLNGCEEMGIIDTSRA
VDAAVARVAEIRSAFGNTVEFGLDFHGRVSAPMAKVLIKELEPYRPLFIEEPVLAEQAETYARLAAHTHLPIAAGERMFS
RFDFKRVLEAGGVSILQPDLSHAGGITECVKIAAMAEAYDVALAPHCPLGPIALAACLHVDFVSWNATLQEQSMGIHYNK
GAELLDYVRNKADFALEGGYIRPPRLPGLGVDIDEALVIERSKEAPDWRNPVWRHADGSVAEWAENLYFQSHHHHHHWSH
PQFEK
;
_entity_poly.pdbx_strand_id   A,B
#
# COMPACT_ATOMS: atom_id res chain seq x y z
N VAL A 2 5.41 -12.89 -30.59
CA VAL A 2 6.05 -13.26 -29.30
C VAL A 2 5.07 -13.06 -28.16
N LYS A 3 4.87 -14.10 -27.36
CA LYS A 3 3.88 -14.10 -26.28
C LYS A 3 4.41 -14.74 -25.00
N ILE A 4 4.03 -14.16 -23.86
CA ILE A 4 4.34 -14.71 -22.54
C ILE A 4 3.53 -15.99 -22.32
N THR A 5 4.20 -17.05 -21.88
CA THR A 5 3.58 -18.37 -21.72
C THR A 5 3.38 -18.77 -20.26
N ARG A 6 4.37 -18.45 -19.42
CA ARG A 6 4.38 -18.95 -18.04
C ARG A 6 5.14 -18.05 -17.09
N LEU A 7 4.63 -17.91 -15.86
CA LEU A 7 5.37 -17.30 -14.77
C LEU A 7 5.58 -18.32 -13.67
N THR A 8 6.81 -18.41 -13.18
CA THR A 8 7.09 -19.29 -12.07
C THR A 8 7.85 -18.52 -11.01
N THR A 9 7.46 -18.70 -9.75
CA THR A 9 8.21 -18.13 -8.65
C THR A 9 9.02 -19.22 -7.95
N TYR A 10 10.14 -18.82 -7.35
CA TYR A 10 11.04 -19.74 -6.67
C TYR A 10 11.52 -19.12 -5.38
N ARG A 11 11.09 -19.65 -4.25
CA ARG A 11 11.61 -19.23 -2.96
C ARG A 11 13.00 -19.83 -2.74
N LEU A 12 13.94 -19.01 -2.31
CA LEU A 12 15.34 -19.45 -2.22
C LEU A 12 15.91 -19.20 -0.83
N PRO A 13 16.70 -20.17 -0.29
CA PRO A 13 17.31 -20.28 1.04
C PRO A 13 17.55 -19.02 1.93
N PRO A 14 18.07 -17.90 1.38
CA PRO A 14 18.00 -16.69 2.22
C PRO A 14 16.59 -16.07 2.28
N ARG A 15 16.52 -14.74 2.23
CA ARG A 15 15.24 -14.05 2.18
C ARG A 15 14.95 -13.60 0.75
N TRP A 16 15.11 -14.52 -0.20
CA TRP A 16 14.99 -14.21 -1.62
C TRP A 16 13.88 -14.98 -2.33
N MET A 17 13.31 -14.32 -3.35
CA MET A 17 12.42 -14.98 -4.29
C MET A 17 12.79 -14.53 -5.70
N PHE A 18 12.94 -15.50 -6.59
CA PHE A 18 13.20 -15.20 -8.00
C PHE A 18 11.92 -15.52 -8.74
N LEU A 19 11.64 -14.78 -9.81
CA LEU A 19 10.56 -15.17 -10.71
C LEU A 19 11.10 -15.35 -12.11
N LYS A 20 10.43 -16.18 -12.90
CA LYS A 20 10.87 -16.50 -14.25
C LYS A 20 9.72 -16.36 -15.26
N VAL A 21 9.89 -15.45 -16.21
CA VAL A 21 8.92 -15.26 -17.28
C VAL A 21 9.41 -15.94 -18.55
N GLU A 22 8.64 -16.92 -19.01
CA GLU A 22 8.94 -17.66 -20.24
C GLU A 22 8.08 -17.14 -21.37
N THR A 23 8.61 -17.26 -22.58
CA THR A 23 7.93 -16.81 -23.80
C THR A 23 7.89 -17.94 -24.82
N ASP A 24 7.04 -17.79 -25.85
CA ASP A 24 6.89 -18.85 -26.87
C ASP A 24 8.04 -18.88 -27.87
N GLU A 25 8.97 -17.93 -27.76
CA GLU A 25 10.17 -17.91 -28.57
C GLU A 25 11.32 -18.58 -27.82
N GLY A 26 11.08 -18.92 -26.55
CA GLY A 26 12.11 -19.56 -25.72
C GLY A 26 13.07 -18.57 -25.10
N VAL A 27 12.66 -17.31 -25.05
CA VAL A 27 13.41 -16.23 -24.41
C VAL A 27 12.92 -16.10 -22.97
N THR A 28 13.84 -16.20 -22.03
CA THR A 28 13.48 -16.24 -20.61
C THR A 28 13.98 -14.99 -19.86
N GLY A 29 13.07 -14.35 -19.15
CA GLY A 29 13.42 -13.22 -18.29
C GLY A 29 13.41 -13.60 -16.82
N TRP A 30 14.23 -12.91 -16.03
CA TRP A 30 14.28 -13.11 -14.59
C TRP A 30 14.08 -11.79 -13.85
N GLY A 31 13.32 -11.85 -12.78
CA GLY A 31 13.13 -10.70 -11.90
C GLY A 31 13.25 -11.13 -10.45
N GLU A 32 13.35 -10.15 -9.56
CA GLU A 32 13.56 -10.42 -8.15
C GLU A 32 12.80 -9.43 -7.31
N PRO A 33 11.66 -9.84 -6.72
CA PRO A 33 10.91 -8.99 -5.80
C PRO A 33 11.48 -8.94 -4.38
N VAL A 34 11.20 -7.85 -3.66
CA VAL A 34 11.40 -7.77 -2.22
C VAL A 34 10.34 -8.64 -1.55
N ILE A 35 10.75 -9.51 -0.65
CA ILE A 35 9.78 -10.26 0.10
C ILE A 35 9.95 -10.21 1.60
N GLU A 36 11.02 -9.62 2.07
CA GLU A 36 11.41 -9.90 3.43
C GLU A 36 10.19 -9.73 4.22
N GLY A 37 9.78 -10.78 4.89
CA GLY A 37 8.60 -10.72 5.71
C GLY A 37 7.27 -11.26 5.23
N ARG A 38 6.84 -10.98 4.01
CA ARG A 38 5.53 -11.42 3.62
C ARG A 38 5.63 -12.14 2.33
N ALA A 39 6.40 -13.17 2.37
CA ALA A 39 6.78 -13.95 1.20
C ALA A 39 5.60 -14.58 0.45
N ARG A 40 4.63 -15.11 1.18
CA ARG A 40 3.50 -15.83 0.56
C ARG A 40 2.51 -14.87 -0.09
N THR A 41 2.33 -13.70 0.52
CA THR A 41 1.51 -12.62 -0.03
C THR A 41 2.10 -12.08 -1.35
N VAL A 42 3.40 -11.78 -1.35
CA VAL A 42 4.09 -11.29 -2.56
C VAL A 42 4.02 -12.32 -3.68
N GLU A 43 4.20 -13.59 -3.33
CA GLU A 43 4.11 -14.69 -4.29
C GLU A 43 2.71 -14.76 -4.91
N ALA A 44 1.67 -14.58 -4.09
CA ALA A 44 0.29 -14.57 -4.56
C ALA A 44 0.02 -13.38 -5.47
N ALA A 45 0.65 -12.24 -5.15
CA ALA A 45 0.46 -11.04 -5.94
C ALA A 45 1.03 -11.23 -7.34
N VAL A 46 2.22 -11.81 -7.42
CA VAL A 46 2.87 -12.12 -8.69
C VAL A 46 1.96 -12.98 -9.59
N HIS A 47 1.40 -14.04 -9.01
CA HIS A 47 0.57 -14.99 -9.77
C HIS A 47 -0.81 -14.47 -10.13
N GLU A 48 -1.31 -13.51 -9.35
CA GLU A 48 -2.55 -12.84 -9.67
C GLU A 48 -2.35 -11.86 -10.82
N LEU A 49 -1.18 -11.22 -10.85
CA LEU A 49 -0.82 -10.24 -11.87
C LEU A 49 -0.40 -10.91 -13.16
N SER A 50 -0.12 -12.20 -13.09
CA SER A 50 0.27 -12.95 -14.29
C SER A 50 -0.93 -13.19 -15.21
N ASP A 51 -2.14 -13.03 -14.69
CA ASP A 51 -3.36 -13.04 -15.53
C ASP A 51 -3.34 -11.96 -16.59
N TYR A 52 -2.72 -10.83 -16.27
CA TYR A 52 -2.52 -9.73 -17.21
C TYR A 52 -1.34 -9.93 -18.16
N LEU A 53 -0.58 -11.00 -17.98
CA LEU A 53 0.65 -11.20 -18.76
C LEU A 53 0.58 -12.37 -19.75
N ILE A 54 0.02 -13.50 -19.31
CA ILE A 54 -0.02 -14.72 -20.13
C ILE A 54 -0.75 -14.48 -21.45
N GLY A 55 -0.05 -14.70 -22.56
CA GLY A 55 -0.60 -14.49 -23.89
C GLY A 55 -0.51 -13.06 -24.37
N GLN A 56 0.27 -12.24 -23.67
CA GLN A 56 0.53 -10.86 -24.10
C GLN A 56 1.97 -10.73 -24.59
N ASP A 57 2.19 -9.74 -25.45
CA ASP A 57 3.50 -9.43 -25.99
C ASP A 57 4.32 -8.80 -24.88
N PRO A 58 5.46 -9.42 -24.50
CA PRO A 58 6.30 -8.87 -23.43
C PRO A 58 6.97 -7.53 -23.78
N SER A 59 6.99 -7.20 -25.08
CA SER A 59 7.62 -5.96 -25.55
C SER A 59 6.88 -4.68 -25.12
N ARG A 60 5.58 -4.79 -24.85
CA ARG A 60 4.80 -3.63 -24.38
C ARG A 60 4.94 -3.47 -22.86
N ILE A 61 6.17 -3.28 -22.38
CA ILE A 61 6.45 -3.18 -20.94
C ILE A 61 5.66 -2.03 -20.32
N ASN A 62 5.64 -0.89 -21.01
CA ASN A 62 4.87 0.28 -20.58
C ASN A 62 3.38 -0.03 -20.35
N ASP A 63 2.76 -0.74 -21.30
CA ASP A 63 1.37 -1.16 -21.20
C ASP A 63 1.18 -2.13 -20.07
N LEU A 64 2.06 -3.13 -19.99
CA LEU A 64 1.96 -4.17 -18.97
C LEU A 64 2.18 -3.59 -17.58
N TRP A 65 3.14 -2.67 -17.45
CA TRP A 65 3.36 -1.96 -16.20
C TRP A 65 2.12 -1.20 -15.74
N GLN A 66 1.49 -0.46 -16.65
CA GLN A 66 0.32 0.36 -16.31
C GLN A 66 -0.89 -0.49 -15.97
N THR A 67 -1.09 -1.57 -16.73
CA THR A 67 -2.17 -2.53 -16.47
C THR A 67 -2.09 -3.12 -15.05
N MET A 68 -0.88 -3.55 -14.67
CA MET A 68 -0.62 -4.11 -13.34
C MET A 68 -0.80 -3.09 -12.24
N TYR A 69 -0.38 -1.85 -12.51
CA TYR A 69 -0.39 -0.80 -11.51
C TYR A 69 -1.77 -0.17 -11.26
N ARG A 70 -2.60 -0.06 -12.29
CA ARG A 70 -3.80 0.76 -12.15
C ARG A 70 -5.11 0.23 -12.73
N ALA A 71 -5.06 -0.86 -13.48
CA ALA A 71 -6.22 -1.21 -14.30
C ALA A 71 -7.21 -2.19 -13.69
N GLY A 72 -6.78 -2.95 -12.69
CA GLY A 72 -7.62 -3.99 -12.12
C GLY A 72 -7.90 -3.89 -10.64
N PHE A 73 -7.29 -2.91 -9.99
CA PHE A 73 -7.34 -2.77 -8.54
C PHE A 73 -6.96 -1.36 -8.20
N TYR A 74 -7.06 -1.04 -6.91
CA TYR A 74 -6.42 0.13 -6.31
C TYR A 74 -4.92 0.15 -6.60
N ARG A 75 -4.35 1.35 -6.69
CA ARG A 75 -2.91 1.53 -6.91
C ARG A 75 -2.10 0.86 -5.80
N GLY A 76 -0.98 0.25 -6.19
CA GLY A 76 -0.23 -0.63 -5.29
C GLY A 76 0.52 0.04 -4.15
N GLY A 77 0.68 -0.71 -3.07
CA GLY A 77 1.49 -0.29 -1.92
C GLY A 77 2.70 -1.21 -1.85
N PRO A 78 3.15 -1.56 -0.62
CA PRO A 78 4.35 -2.39 -0.45
C PRO A 78 4.34 -3.73 -1.19
N ILE A 79 3.21 -4.43 -1.17
CA ILE A 79 3.10 -5.77 -1.77
C ILE A 79 3.07 -5.73 -3.31
N LEU A 80 2.09 -5.05 -3.86
CA LEU A 80 1.88 -5.00 -5.31
C LEU A 80 3.02 -4.34 -6.06
N MET A 81 3.59 -3.27 -5.49
CA MET A 81 4.72 -2.60 -6.12
C MET A 81 5.96 -3.47 -6.14
N SER A 82 6.13 -4.30 -5.11
CA SER A 82 7.21 -5.28 -5.08
C SER A 82 7.02 -6.37 -6.13
N ALA A 83 5.78 -6.79 -6.32
CA ALA A 83 5.44 -7.81 -7.31
C ALA A 83 5.63 -7.25 -8.72
N ILE A 84 5.15 -6.03 -8.93
CA ILE A 84 5.28 -5.34 -10.21
C ILE A 84 6.75 -5.11 -10.56
N ALA A 85 7.55 -4.77 -9.55
CA ALA A 85 9.00 -4.60 -9.68
C ALA A 85 9.71 -5.84 -10.22
N GLY A 86 9.33 -7.01 -9.72
CA GLY A 86 9.95 -8.26 -10.13
C GLY A 86 9.55 -8.62 -11.56
N ILE A 87 8.28 -8.46 -11.88
CA ILE A 87 7.77 -8.71 -13.22
C ILE A 87 8.42 -7.76 -14.22
N ASP A 88 8.49 -6.47 -13.84
CA ASP A 88 9.08 -5.42 -14.68
C ASP A 88 10.52 -5.77 -15.05
N GLN A 89 11.31 -6.18 -14.06
CA GLN A 89 12.72 -6.58 -14.27
C GLN A 89 12.85 -7.68 -15.30
N ALA A 90 11.94 -8.66 -15.25
CA ALA A 90 11.95 -9.79 -16.17
C ALA A 90 11.54 -9.42 -17.59
N LEU A 91 10.64 -8.45 -17.73
CA LEU A 91 10.20 -7.99 -19.05
C LEU A 91 11.31 -7.21 -19.74
N TRP A 92 12.08 -6.48 -18.94
CA TRP A 92 13.26 -5.78 -19.43
C TRP A 92 14.37 -6.75 -19.81
N ASP A 93 14.49 -7.84 -19.04
CA ASP A 93 15.44 -8.91 -19.34
C ASP A 93 15.10 -9.53 -20.68
N ILE A 94 13.83 -9.86 -20.87
CA ILE A 94 13.35 -10.38 -22.16
C ILE A 94 13.67 -9.42 -23.32
N LYS A 95 13.27 -8.15 -23.17
CA LYS A 95 13.46 -7.13 -24.22
C LYS A 95 14.91 -6.97 -24.65
N GLY A 96 15.81 -6.88 -23.68
CA GLY A 96 17.26 -6.79 -23.95
C GLY A 96 17.83 -8.06 -24.56
N LYS A 97 17.30 -9.21 -24.15
CA LYS A 97 17.68 -10.49 -24.78
C LYS A 97 17.20 -10.61 -26.23
N VAL A 98 15.97 -10.18 -26.49
CA VAL A 98 15.39 -10.18 -27.83
C VAL A 98 16.15 -9.25 -28.79
N LEU A 99 16.63 -8.13 -28.27
CA LEU A 99 17.38 -7.19 -29.09
C LEU A 99 18.90 -7.32 -28.96
N GLY A 100 19.34 -8.23 -28.10
CA GLY A 100 20.77 -8.61 -28.01
C GLY A 100 21.70 -7.59 -27.41
N VAL A 101 21.18 -6.77 -26.50
CA VAL A 101 21.94 -5.70 -25.86
C VAL A 101 21.60 -5.63 -24.37
N PRO A 102 22.52 -5.06 -23.55
CA PRO A 102 22.15 -4.80 -22.16
C PRO A 102 21.04 -3.76 -22.05
N VAL A 103 20.28 -3.82 -20.96
CA VAL A 103 19.16 -2.92 -20.69
C VAL A 103 19.47 -1.41 -20.81
N TYR A 104 20.62 -0.97 -20.28
CA TYR A 104 21.04 0.43 -20.34
C TYR A 104 21.13 0.98 -21.76
N GLU A 105 21.35 0.08 -22.72
CA GLU A 105 21.46 0.46 -24.13
C GLU A 105 20.09 0.86 -24.70
N LEU A 106 19.04 0.25 -24.18
CA LEU A 106 17.68 0.56 -24.60
C LEU A 106 17.25 1.89 -24.01
N LEU A 107 17.83 2.24 -22.86
CA LEU A 107 17.46 3.44 -22.12
C LEU A 107 18.39 4.61 -22.38
N GLY A 108 18.88 4.70 -23.61
CA GLY A 108 19.67 5.85 -24.04
C GLY A 108 21.17 5.62 -24.02
N GLY A 109 21.62 4.51 -23.46
CA GLY A 109 23.06 4.22 -23.41
C GLY A 109 23.75 4.76 -22.17
N LEU A 110 25.05 4.54 -22.09
CA LEU A 110 25.86 4.92 -20.93
C LEU A 110 25.93 6.44 -20.71
N VAL A 111 25.79 6.85 -19.46
CA VAL A 111 26.05 8.22 -19.04
C VAL A 111 27.36 8.23 -18.22
N ARG A 112 27.90 7.03 -17.97
CA ARG A 112 29.17 6.85 -17.27
C ARG A 112 29.83 5.54 -17.67
N ASP A 113 31.11 5.39 -17.32
CA ASP A 113 31.91 4.24 -17.73
C ASP A 113 31.97 3.21 -16.63
N LYS A 114 31.86 3.67 -15.38
CA LYS A 114 31.85 2.79 -14.22
C LYS A 114 31.01 3.42 -13.13
N MET A 115 30.64 2.65 -12.12
CA MET A 115 29.77 3.14 -11.05
C MET A 115 30.39 2.89 -9.68
N ARG A 116 30.42 3.92 -8.85
CA ARG A 116 30.96 3.82 -7.50
C ARG A 116 30.03 3.03 -6.58
N THR A 117 30.61 2.06 -5.88
CA THR A 117 29.86 1.25 -4.94
C THR A 117 30.36 1.41 -3.51
N TYR A 118 29.44 1.25 -2.58
CA TYR A 118 29.77 1.12 -1.17
C TYR A 118 29.20 -0.20 -0.65
N SER A 119 29.83 -0.74 0.39
CA SER A 119 29.45 -2.02 0.97
C SER A 119 28.97 -1.86 2.41
N TRP A 120 28.04 -2.72 2.82
CA TRP A 120 27.65 -2.82 4.22
C TRP A 120 28.66 -3.66 4.99
N VAL A 121 29.11 -3.17 6.15
CA VAL A 121 30.05 -3.88 7.02
C VAL A 121 29.41 -4.06 8.41
N GLY A 122 29.41 -5.31 8.90
CA GLY A 122 28.89 -5.61 10.22
C GLY A 122 29.96 -5.89 11.26
N GLY A 123 29.53 -6.36 12.43
CA GLY A 123 30.42 -6.66 13.55
C GLY A 123 29.79 -6.33 14.88
N ASP A 124 29.91 -7.25 15.84
CA ASP A 124 29.33 -7.11 17.18
C ASP A 124 30.07 -6.06 18.02
N ARG A 125 31.40 -6.13 18.00
CA ARG A 125 32.27 -5.14 18.64
C ARG A 125 32.67 -4.09 17.61
N PRO A 126 33.02 -2.87 18.07
CA PRO A 126 33.65 -1.87 17.21
C PRO A 126 34.94 -2.36 16.54
N ALA A 127 35.72 -3.18 17.24
CA ALA A 127 36.94 -3.78 16.70
C ALA A 127 36.68 -4.71 15.50
N ASP A 128 35.56 -5.43 15.56
CA ASP A 128 35.13 -6.31 14.47
C ASP A 128 34.75 -5.53 13.20
N VAL A 129 34.06 -4.40 13.41
CA VAL A 129 33.64 -3.53 12.30
C VAL A 129 34.86 -2.92 11.60
N ILE A 130 35.83 -2.46 12.40
CA ILE A 130 37.09 -1.92 11.89
C ILE A 130 37.80 -2.95 11.02
N ALA A 131 37.97 -4.15 11.56
CA ALA A 131 38.64 -5.27 10.88
C ALA A 131 38.06 -5.59 9.50
N GLY A 132 36.73 -5.64 9.41
CA GLY A 132 36.02 -5.87 8.16
C GLY A 132 36.20 -4.75 7.16
N MET A 133 36.22 -3.52 7.66
CA MET A 133 36.48 -2.35 6.82
C MET A 133 37.92 -2.32 6.31
N LYS A 134 38.88 -2.68 7.17
CA LYS A 134 40.30 -2.74 6.80
C LYS A 134 40.58 -3.83 5.77
N ALA A 135 39.78 -4.90 5.82
CA ALA A 135 39.83 -5.99 4.84
C ALA A 135 39.38 -5.52 3.46
N LEU A 136 38.22 -4.85 3.40
CA LEU A 136 37.68 -4.33 2.14
C LEU A 136 38.49 -3.16 1.60
N GLN A 137 39.19 -2.45 2.49
CA GLN A 137 40.04 -1.32 2.10
C GLN A 137 41.24 -1.76 1.28
N ALA A 138 41.90 -2.83 1.74
CA ALA A 138 42.98 -3.47 0.98
C ALA A 138 42.46 -4.07 -0.32
N GLY A 139 41.19 -4.48 -0.32
CA GLY A 139 40.46 -4.91 -1.52
C GLY A 139 40.21 -3.76 -2.48
N GLY A 140 40.10 -2.54 -1.97
CA GLY A 140 40.00 -1.35 -2.81
C GLY A 140 38.90 -0.37 -2.45
N PHE A 141 38.12 -0.70 -1.42
CA PHE A 141 37.00 0.13 -0.98
C PHE A 141 37.40 1.27 -0.04
N ASP A 142 36.63 2.35 -0.08
CA ASP A 142 36.81 3.47 0.84
C ASP A 142 35.46 4.08 1.20
N HIS A 143 34.40 3.44 0.73
CA HIS A 143 33.03 3.86 1.03
C HIS A 143 32.27 2.70 1.65
N PHE A 144 31.69 2.95 2.82
CA PHE A 144 31.06 1.90 3.60
C PHE A 144 29.70 2.34 4.15
N LYS A 145 28.94 1.38 4.66
CA LYS A 145 27.69 1.66 5.35
C LYS A 145 27.61 0.78 6.58
N LEU A 146 27.47 1.42 7.74
CA LEU A 146 27.43 0.69 9.00
C LEU A 146 26.10 0.92 9.67
N ASN A 147 25.69 -0.05 10.49
CA ASN A 147 24.57 0.16 11.40
C ASN A 147 25.02 1.17 12.43
N GLY A 148 24.16 2.15 12.72
CA GLY A 148 24.45 3.12 13.76
C GLY A 148 24.24 2.52 15.13
N CYS A 149 23.31 1.58 15.24
CA CYS A 149 22.96 0.95 16.51
C CYS A 149 24.02 -0.02 17.01
N GLU A 150 24.62 0.33 18.14
CA GLU A 150 25.64 -0.48 18.81
C GLU A 150 25.06 -1.80 19.30
N GLU A 151 23.81 -1.76 19.75
CA GLU A 151 23.11 -2.95 20.21
C GLU A 151 21.73 -3.06 19.56
N MET A 152 21.08 -4.20 19.78
CA MET A 152 19.73 -4.45 19.28
C MET A 152 18.73 -3.68 20.15
N GLY A 153 17.84 -2.94 19.49
CA GLY A 153 16.81 -2.18 20.19
C GLY A 153 16.65 -0.74 19.73
N ILE A 154 16.33 0.14 20.67
CA ILE A 154 15.97 1.52 20.38
C ILE A 154 16.91 2.50 21.10
N ILE A 155 17.20 3.64 20.46
CA ILE A 155 17.99 4.68 21.10
C ILE A 155 17.07 5.65 21.86
N ASP A 156 17.05 5.46 23.18
CA ASP A 156 16.06 6.08 24.08
C ASP A 156 16.66 7.10 25.02
N THR A 157 17.90 6.88 25.41
CA THR A 157 18.52 7.60 26.51
C THR A 157 19.82 8.26 26.09
N SER A 158 20.31 9.18 26.91
CA SER A 158 21.62 9.80 26.75
C SER A 158 22.73 8.75 26.78
N ARG A 159 22.55 7.76 27.66
CA ARG A 159 23.46 6.64 27.79
C ARG A 159 23.50 5.81 26.49
N ALA A 160 22.36 5.69 25.83
CA ALA A 160 22.27 4.97 24.56
C ALA A 160 22.85 5.78 23.40
N VAL A 161 22.67 7.10 23.45
CA VAL A 161 23.27 8.01 22.47
C VAL A 161 24.79 7.97 22.59
N ASP A 162 25.30 8.10 23.82
CA ASP A 162 26.74 8.13 24.08
C ASP A 162 27.46 6.85 23.66
N ALA A 163 26.85 5.70 23.94
CA ALA A 163 27.40 4.41 23.57
C ALA A 163 27.49 4.25 22.06
N ALA A 164 26.44 4.69 21.37
CA ALA A 164 26.39 4.67 19.90
C ALA A 164 27.41 5.62 19.28
N VAL A 165 27.62 6.77 19.91
CA VAL A 165 28.60 7.76 19.47
C VAL A 165 30.04 7.29 19.75
N ALA A 166 30.26 6.69 20.92
CA ALA A 166 31.55 6.10 21.29
C ALA A 166 32.01 5.01 20.33
N ARG A 167 31.06 4.19 19.87
CA ARG A 167 31.32 3.16 18.88
C ARG A 167 31.78 3.79 17.56
N VAL A 168 31.05 4.82 17.13
CA VAL A 168 31.34 5.57 15.89
C VAL A 168 32.69 6.28 15.97
N ALA A 169 32.98 6.85 17.15
CA ALA A 169 34.25 7.53 17.43
C ALA A 169 35.45 6.60 17.25
N GLU A 170 35.35 5.41 17.83
CA GLU A 170 36.41 4.39 17.78
C GLU A 170 36.66 3.92 16.34
N ILE A 171 35.57 3.75 15.58
CA ILE A 171 35.65 3.40 14.17
C ILE A 171 36.31 4.51 13.35
N ARG A 172 35.92 5.76 13.57
CA ARG A 172 36.50 6.90 12.84
C ARG A 172 38.00 7.09 13.13
N SER A 173 38.40 6.92 14.39
CA SER A 173 39.79 7.10 14.82
C SER A 173 40.75 6.10 14.17
N ALA A 174 40.20 4.97 13.71
CA ALA A 174 40.98 3.95 13.04
C ALA A 174 41.38 4.32 11.61
N PHE A 175 40.67 5.28 11.02
CA PHE A 175 40.88 5.63 9.62
C PHE A 175 41.14 7.11 9.34
N GLY A 176 40.55 7.97 10.16
CA GLY A 176 40.54 9.41 9.88
C GLY A 176 39.65 9.68 8.67
N ASN A 177 40.03 10.63 7.83
CA ASN A 177 39.24 10.97 6.64
C ASN A 177 39.59 10.14 5.40
N THR A 178 40.31 9.04 5.59
CA THR A 178 40.76 8.19 4.48
C THR A 178 39.60 7.42 3.87
N VAL A 179 38.74 6.89 4.73
CA VAL A 179 37.55 6.19 4.30
C VAL A 179 36.30 7.04 4.59
N GLU A 180 35.20 6.71 3.92
CA GLU A 180 33.92 7.33 4.18
C GLU A 180 32.95 6.26 4.63
N PHE A 181 32.10 6.59 5.59
CA PHE A 181 31.03 5.68 5.99
C PHE A 181 29.72 6.38 6.30
N GLY A 182 28.61 5.75 5.93
CA GLY A 182 27.29 6.24 6.27
C GLY A 182 26.72 5.42 7.41
N LEU A 183 25.84 6.03 8.20
CA LEU A 183 25.26 5.34 9.34
C LEU A 183 23.77 5.13 9.15
N ASP A 184 23.33 3.88 9.28
CA ASP A 184 21.93 3.55 9.15
C ASP A 184 21.38 3.19 10.51
N PHE A 185 20.38 3.92 10.94
CA PHE A 185 19.77 3.74 12.25
C PHE A 185 18.46 2.98 12.24
N HIS A 186 17.97 2.68 11.03
CA HIS A 186 16.73 1.91 10.79
C HIS A 186 15.45 2.51 11.39
N GLY A 187 15.49 3.81 11.66
CA GLY A 187 14.39 4.51 12.31
C GLY A 187 14.26 4.19 13.79
N ARG A 188 15.31 3.64 14.38
CA ARG A 188 15.26 3.13 15.74
C ARG A 188 15.78 4.14 16.77
N VAL A 189 15.59 5.42 16.48
CA VAL A 189 15.89 6.49 17.42
C VAL A 189 14.55 7.13 17.83
N SER A 190 14.38 7.37 19.13
CA SER A 190 13.19 8.05 19.62
C SER A 190 13.22 9.52 19.20
N ALA A 191 12.03 10.07 18.95
CA ALA A 191 11.86 11.48 18.55
C ALA A 191 12.56 12.52 19.46
N PRO A 192 12.55 12.32 20.81
CA PRO A 192 13.35 13.26 21.61
C PRO A 192 14.88 13.16 21.42
N MET A 193 15.38 11.97 21.07
CA MET A 193 16.82 11.76 20.98
C MET A 193 17.42 12.15 19.63
N ALA A 194 16.57 12.29 18.62
CA ALA A 194 16.98 12.44 17.22
C ALA A 194 18.04 13.53 17.00
N LYS A 195 17.74 14.73 17.47
CA LYS A 195 18.60 15.89 17.26
C LYS A 195 19.92 15.84 18.03
N VAL A 196 19.90 15.36 19.27
CA VAL A 196 21.11 15.31 20.09
C VAL A 196 22.10 14.26 19.58
N LEU A 197 21.56 13.15 19.07
CA LEU A 197 22.38 12.08 18.52
C LEU A 197 23.12 12.54 17.28
N ILE A 198 22.38 13.17 16.37
CA ILE A 198 22.91 13.71 15.12
C ILE A 198 24.01 14.75 15.41
N LYS A 199 23.76 15.62 16.39
CA LYS A 199 24.75 16.61 16.82
C LYS A 199 26.01 15.96 17.43
N GLU A 200 25.83 14.89 18.19
CA GLU A 200 26.96 14.20 18.82
C GLU A 200 27.81 13.39 17.83
N LEU A 201 27.20 13.00 16.71
CA LEU A 201 27.93 12.28 15.65
C LEU A 201 28.69 13.21 14.71
N GLU A 202 28.30 14.48 14.71
CA GLU A 202 28.88 15.49 13.80
C GLU A 202 30.41 15.61 13.76
N PRO A 203 31.12 15.55 14.91
CA PRO A 203 32.59 15.59 14.82
C PRO A 203 33.22 14.45 14.02
N TYR A 204 32.57 13.29 14.02
CA TYR A 204 33.09 12.09 13.40
C TYR A 204 32.65 11.96 11.94
N ARG A 205 31.86 12.94 11.51
CA ARG A 205 31.55 13.19 10.08
C ARG A 205 31.22 11.97 9.24
N PRO A 206 30.06 11.32 9.50
CA PRO A 206 29.68 10.27 8.57
C PRO A 206 29.22 10.84 7.24
N LEU A 207 29.26 10.02 6.20
CA LEU A 207 28.89 10.46 4.85
C LEU A 207 27.41 10.80 4.78
N PHE A 208 26.59 10.01 5.47
CA PHE A 208 25.17 10.28 5.62
C PHE A 208 24.64 9.67 6.89
N ILE A 209 23.46 10.11 7.30
CA ILE A 209 22.67 9.45 8.32
C ILE A 209 21.42 8.89 7.63
N GLU A 210 21.28 7.57 7.66
CA GLU A 210 20.16 6.92 6.99
C GLU A 210 19.05 6.61 7.97
N GLU A 211 17.86 7.12 7.64
CA GLU A 211 16.64 6.94 8.42
C GLU A 211 16.83 7.08 9.93
N PRO A 212 17.07 8.31 10.41
CA PRO A 212 17.19 8.50 11.86
C PRO A 212 15.88 8.17 12.58
N VAL A 213 14.77 8.65 12.06
CA VAL A 213 13.44 8.35 12.62
C VAL A 213 12.49 7.93 11.50
N LEU A 214 11.38 7.29 11.88
CA LEU A 214 10.33 7.04 10.91
C LEU A 214 9.40 8.24 10.85
N ALA A 215 9.46 8.96 9.74
CA ALA A 215 8.69 10.17 9.56
C ALA A 215 7.24 9.87 9.19
N GLU A 216 6.33 10.61 9.81
CA GLU A 216 4.91 10.56 9.44
C GLU A 216 4.61 11.72 8.49
N GLN A 217 5.28 12.84 8.68
CA GLN A 217 5.26 13.94 7.73
C GLN A 217 6.68 14.19 7.25
N ALA A 218 6.83 14.55 5.98
CA ALA A 218 8.16 14.79 5.39
C ALA A 218 8.80 16.10 5.86
N GLU A 219 8.04 16.87 6.63
CA GLU A 219 8.50 18.11 7.24
C GLU A 219 9.57 17.87 8.30
N THR A 220 9.55 16.68 8.92
CA THR A 220 10.48 16.36 9.99
C THR A 220 11.90 16.08 9.51
N TYR A 221 12.03 15.59 8.28
CA TYR A 221 13.35 15.46 7.68
C TYR A 221 13.96 16.83 7.41
N ALA A 222 13.14 17.75 6.91
CA ALA A 222 13.53 19.14 6.70
C ALA A 222 13.90 19.83 8.01
N ARG A 223 13.16 19.53 9.07
CA ARG A 223 13.44 20.05 10.40
C ARG A 223 14.73 19.47 10.98
N LEU A 224 14.99 18.19 10.71
CA LEU A 224 16.22 17.55 11.17
C LEU A 224 17.44 18.06 10.41
N ALA A 225 17.27 18.24 9.10
CA ALA A 225 18.36 18.69 8.23
C ALA A 225 18.74 20.15 8.45
N ALA A 226 17.78 20.96 8.87
CA ALA A 226 18.02 22.38 9.19
C ALA A 226 18.91 22.54 10.42
N HIS A 227 19.03 21.46 11.19
CA HIS A 227 19.84 21.44 12.41
CA HIS A 227 19.83 21.45 12.40
C HIS A 227 21.26 20.95 12.17
N THR A 228 21.45 20.21 11.08
CA THR A 228 22.73 19.54 10.88
C THR A 228 23.42 19.77 9.55
N HIS A 229 24.74 19.71 9.57
CA HIS A 229 25.51 19.70 8.33
C HIS A 229 25.51 18.32 7.65
N LEU A 230 25.24 17.28 8.45
CA LEU A 230 25.22 15.89 7.96
C LEU A 230 24.03 15.61 7.04
N PRO A 231 24.29 14.97 5.89
CA PRO A 231 23.26 14.60 4.91
C PRO A 231 22.34 13.50 5.43
N ILE A 232 21.04 13.70 5.26
CA ILE A 232 20.05 12.68 5.61
C ILE A 232 19.73 11.85 4.37
N ALA A 233 19.91 10.54 4.49
CA ALA A 233 19.55 9.59 3.44
C ALA A 233 18.25 8.86 3.78
N ALA A 234 17.40 8.68 2.76
CA ALA A 234 16.11 8.00 2.92
C ALA A 234 15.54 7.58 1.57
N GLY A 235 14.60 6.63 1.58
CA GLY A 235 13.89 6.24 0.37
C GLY A 235 13.51 4.77 0.24
N GLU A 236 14.04 3.93 1.12
CA GLU A 236 13.84 2.48 1.01
C GLU A 236 12.42 2.01 1.34
N ARG A 237 11.67 2.86 2.06
CA ARG A 237 10.31 2.55 2.48
C ARG A 237 9.26 3.26 1.62
N MET A 238 9.68 3.71 0.43
CA MET A 238 8.79 4.45 -0.45
C MET A 238 8.57 3.74 -1.77
N PHE A 239 7.31 3.75 -2.24
CA PHE A 239 6.92 2.94 -3.38
C PHE A 239 6.35 3.79 -4.50
N SER A 240 5.43 4.69 -4.16
CA SER A 240 4.80 5.56 -5.13
C SER A 240 5.73 6.70 -5.51
N ARG A 241 5.52 7.26 -6.70
CA ARG A 241 6.23 8.47 -7.14
C ARG A 241 5.86 9.64 -6.24
N PHE A 242 4.65 9.57 -5.68
CA PHE A 242 4.09 10.62 -4.82
C PHE A 242 4.71 10.60 -3.43
N ASP A 243 5.17 9.43 -3.00
CA ASP A 243 5.96 9.30 -1.76
C ASP A 243 7.28 10.03 -1.92
N PHE A 244 7.93 9.84 -3.07
CA PHE A 244 9.22 10.47 -3.35
C PHE A 244 9.09 11.97 -3.56
N LYS A 245 8.08 12.39 -4.33
CA LYS A 245 7.84 13.81 -4.61
C LYS A 245 7.64 14.63 -3.34
N ARG A 246 6.85 14.11 -2.40
CA ARG A 246 6.57 14.78 -1.13
C ARG A 246 7.84 14.94 -0.28
N VAL A 247 8.66 13.89 -0.25
CA VAL A 247 9.93 13.90 0.45
C VAL A 247 10.91 14.90 -0.19
N LEU A 248 10.91 14.94 -1.51
CA LEU A 248 11.80 15.83 -2.26
C LEU A 248 11.37 17.31 -2.20
N GLU A 249 10.06 17.56 -2.19
CA GLU A 249 9.53 18.93 -2.13
C GLU A 249 9.67 19.56 -0.75
N ALA A 250 9.63 18.72 0.29
CA ALA A 250 9.85 19.17 1.65
C ALA A 250 11.33 19.48 1.88
N GLY A 251 12.20 18.82 1.11
CA GLY A 251 13.64 18.96 1.27
C GLY A 251 14.10 18.24 2.52
N GLY A 252 15.36 18.45 2.88
CA GLY A 252 15.92 17.81 4.05
C GLY A 252 16.44 16.40 3.84
N VAL A 253 16.30 15.88 2.63
CA VAL A 253 16.89 14.59 2.26
C VAL A 253 17.90 14.87 1.17
N SER A 254 19.18 14.69 1.49
CA SER A 254 20.27 14.97 0.54
C SER A 254 20.50 13.82 -0.42
N ILE A 255 20.33 12.59 0.08
CA ILE A 255 20.58 11.36 -0.67
C ILE A 255 19.30 10.51 -0.75
N LEU A 256 18.80 10.31 -1.96
CA LEU A 256 17.59 9.51 -2.15
C LEU A 256 17.97 8.06 -2.43
N GLN A 257 17.24 7.14 -1.80
CA GLN A 257 17.55 5.72 -1.89
C GLN A 257 16.39 4.83 -2.39
N PRO A 258 15.99 5.00 -3.66
CA PRO A 258 14.89 4.17 -4.15
C PRO A 258 15.32 2.71 -4.37
N ASP A 259 14.50 1.79 -3.89
CA ASP A 259 14.76 0.36 -4.09
C ASP A 259 14.10 -0.07 -5.39
N LEU A 260 14.92 -0.61 -6.30
CA LEU A 260 14.46 -1.14 -7.58
C LEU A 260 13.44 -2.25 -7.42
N SER A 261 13.66 -3.12 -6.43
CA SER A 261 12.79 -4.26 -6.20
C SER A 261 11.52 -3.93 -5.41
N HIS A 262 11.38 -2.67 -4.99
CA HIS A 262 10.20 -2.28 -4.24
C HIS A 262 9.38 -1.19 -4.92
N ALA A 263 10.06 -0.21 -5.50
CA ALA A 263 9.40 0.98 -6.03
C ALA A 263 8.87 0.84 -7.46
N GLY A 264 8.53 -0.36 -7.89
CA GLY A 264 7.95 -0.58 -9.22
C GLY A 264 8.89 -0.97 -10.36
N GLY A 265 10.18 -1.14 -10.04
CA GLY A 265 11.14 -1.64 -11.03
C GLY A 265 11.82 -0.58 -11.86
N ILE A 266 12.42 -1.04 -12.96
CA ILE A 266 13.16 -0.21 -13.91
C ILE A 266 12.29 0.90 -14.52
N THR A 267 11.11 0.52 -15.04
CA THR A 267 10.16 1.47 -15.63
C THR A 267 9.93 2.67 -14.70
N GLU A 268 9.69 2.39 -13.42
CA GLU A 268 9.43 3.42 -12.43
C GLU A 268 10.66 4.08 -11.81
N CYS A 269 11.72 3.32 -11.54
CA CYS A 269 12.93 3.92 -10.92
C CYS A 269 13.73 4.85 -11.82
N VAL A 270 13.62 4.65 -13.13
CA VAL A 270 14.21 5.57 -14.10
C VAL A 270 13.51 6.93 -14.01
N LYS A 271 12.20 6.90 -13.76
CA LYS A 271 11.41 8.11 -13.58
C LYS A 271 11.70 8.81 -12.24
N ILE A 272 11.91 8.03 -11.18
CA ILE A 272 12.27 8.55 -9.87
C ILE A 272 13.63 9.25 -9.93
N ALA A 273 14.57 8.66 -10.67
CA ALA A 273 15.89 9.23 -10.90
C ALA A 273 15.82 10.61 -11.56
N ALA A 274 14.99 10.72 -12.59
CA ALA A 274 14.83 11.96 -13.36
C ALA A 274 14.07 13.04 -12.61
N MET A 275 13.24 12.60 -11.66
CA MET A 275 12.54 13.52 -10.79
C MET A 275 13.50 14.07 -9.75
N ALA A 276 14.39 13.21 -9.25
CA ALA A 276 15.42 13.59 -8.29
C ALA A 276 16.36 14.66 -8.83
N GLU A 277 16.61 14.63 -10.14
CA GLU A 277 17.42 15.64 -10.84
C GLU A 277 16.91 17.06 -10.67
N ALA A 278 15.59 17.21 -10.62
CA ALA A 278 14.92 18.52 -10.55
C ALA A 278 15.07 19.18 -9.17
N TYR A 279 15.50 18.39 -8.20
CA TYR A 279 15.82 18.87 -6.86
C TYR A 279 17.33 18.69 -6.69
N ASP A 280 17.93 19.31 -5.68
CA ASP A 280 19.38 19.23 -5.52
C ASP A 280 19.76 18.07 -4.62
N VAL A 281 19.53 16.87 -5.14
CA VAL A 281 19.55 15.64 -4.35
C VAL A 281 20.33 14.56 -5.09
N ALA A 282 21.32 13.99 -4.40
CA ALA A 282 22.08 12.85 -4.91
C ALA A 282 21.25 11.56 -4.92
N LEU A 283 21.51 10.68 -5.87
CA LEU A 283 20.78 9.43 -5.98
C LEU A 283 21.68 8.24 -5.64
N ALA A 284 21.23 7.42 -4.69
CA ALA A 284 21.94 6.20 -4.31
C ALA A 284 20.97 5.05 -4.17
N PRO A 285 20.68 4.35 -5.28
CA PRO A 285 19.67 3.29 -5.29
C PRO A 285 19.96 2.16 -4.30
N HIS A 286 18.95 1.77 -3.59
CA HIS A 286 19.12 0.87 -2.52
C HIS A 286 18.98 -0.53 -2.99
N CYS A 287 20.05 -1.30 -2.85
CA CYS A 287 19.94 -2.72 -3.09
C CYS A 287 20.95 -3.62 -2.40
N PRO A 288 20.42 -4.35 -1.44
CA PRO A 288 21.16 -5.33 -0.66
C PRO A 288 20.59 -6.73 -0.86
N LEU A 289 19.95 -6.95 -1.99
CA LEU A 289 19.29 -8.20 -2.26
C LEU A 289 20.17 -9.08 -3.11
N GLY A 290 19.54 -9.81 -4.01
CA GLY A 290 20.20 -10.73 -4.90
C GLY A 290 20.79 -10.13 -6.14
N PRO A 291 21.31 -10.97 -7.00
CA PRO A 291 22.04 -10.53 -8.18
C PRO A 291 21.18 -9.95 -9.31
N ILE A 292 19.92 -10.39 -9.41
CA ILE A 292 19.00 -9.89 -10.45
C ILE A 292 18.64 -8.44 -10.17
N ALA A 293 18.37 -8.15 -8.90
CA ALA A 293 17.98 -6.82 -8.45
C ALA A 293 19.17 -5.85 -8.47
N LEU A 294 20.36 -6.35 -8.13
CA LEU A 294 21.58 -5.55 -8.22
C LEU A 294 21.81 -5.11 -9.65
N ALA A 295 21.74 -6.07 -10.58
CA ALA A 295 21.86 -5.82 -12.01
C ALA A 295 20.85 -4.78 -12.51
N ALA A 296 19.61 -4.89 -12.04
CA ALA A 296 18.56 -3.92 -12.35
C ALA A 296 18.94 -2.51 -11.89
N CYS A 297 19.50 -2.41 -10.67
CA CYS A 297 20.00 -1.13 -10.13
C CYS A 297 21.10 -0.53 -10.99
N LEU A 298 22.01 -1.38 -11.47
CA LEU A 298 23.14 -0.95 -12.28
C LEU A 298 22.68 -0.31 -13.58
N HIS A 299 21.59 -0.81 -14.13
CA HIS A 299 21.05 -0.26 -15.37
C HIS A 299 20.43 1.11 -15.18
N VAL A 300 19.86 1.35 -14.00
CA VAL A 300 19.38 2.68 -13.62
C VAL A 300 20.58 3.61 -13.38
N ASP A 301 21.59 3.11 -12.67
CA ASP A 301 22.83 3.87 -12.40
C ASP A 301 23.55 4.33 -13.67
N PHE A 302 23.62 3.44 -14.64
CA PHE A 302 24.37 3.69 -15.88
C PHE A 302 23.62 4.52 -16.92
N VAL A 303 22.38 4.89 -16.62
CA VAL A 303 21.63 5.81 -17.48
C VAL A 303 21.31 7.14 -16.81
N SER A 304 21.32 7.16 -15.47
CA SER A 304 20.99 8.37 -14.73
C SER A 304 22.25 9.07 -14.26
N TRP A 305 22.40 10.31 -14.71
CA TRP A 305 23.59 11.13 -14.48
C TRP A 305 23.76 11.48 -13.01
N ASN A 306 22.63 11.58 -12.31
CA ASN A 306 22.61 12.00 -10.93
C ASN A 306 22.83 10.87 -9.90
N ALA A 307 22.97 9.63 -10.36
CA ALA A 307 23.37 8.52 -9.48
C ALA A 307 24.85 8.61 -9.13
N THR A 308 25.16 8.47 -7.84
CA THR A 308 26.51 8.72 -7.32
C THR A 308 27.15 7.50 -6.64
N LEU A 309 26.37 6.84 -5.78
CA LEU A 309 26.82 5.67 -5.02
C LEU A 309 25.85 4.51 -5.18
N GLN A 310 26.38 3.29 -5.21
CA GLN A 310 25.52 2.11 -5.31
C GLN A 310 25.78 1.13 -4.18
N GLU A 311 24.73 0.81 -3.41
CA GLU A 311 24.81 -0.15 -2.34
C GLU A 311 24.89 -1.57 -2.88
N GLN A 312 25.83 -2.36 -2.34
CA GLN A 312 25.87 -3.80 -2.58
C GLN A 312 26.25 -4.57 -1.32
N SER A 313 25.69 -5.77 -1.17
CA SER A 313 25.89 -6.59 0.01
C SER A 313 26.85 -7.77 -0.23
N MET A 314 28.14 -7.52 -0.03
CA MET A 314 29.16 -8.55 -0.23
C MET A 314 30.21 -8.54 0.90
N GLU A 323 25.69 -15.68 -0.33
CA GLU A 323 25.92 -14.47 -1.11
C GLU A 323 25.26 -14.56 -2.49
N LEU A 324 25.28 -13.45 -3.22
CA LEU A 324 24.58 -13.33 -4.51
C LEU A 324 25.35 -13.88 -5.70
N LEU A 325 26.48 -14.52 -5.45
CA LEU A 325 27.31 -15.13 -6.49
C LEU A 325 26.89 -16.56 -6.79
N ASP A 326 26.00 -17.12 -5.96
CA ASP A 326 25.62 -18.53 -6.02
C ASP A 326 24.84 -18.91 -7.28
N TYR A 327 23.83 -18.12 -7.63
CA TYR A 327 22.90 -18.46 -8.70
C TYR A 327 23.27 -17.81 -10.03
N VAL A 328 24.38 -17.10 -10.05
CA VAL A 328 24.87 -16.43 -11.26
C VAL A 328 26.10 -17.14 -11.83
N ARG A 329 26.06 -17.39 -13.13
CA ARG A 329 27.16 -18.07 -13.81
C ARG A 329 28.23 -17.09 -14.30
N ASN A 330 27.84 -15.85 -14.57
CA ASN A 330 28.75 -14.80 -15.03
C ASN A 330 29.24 -13.87 -13.92
N LYS A 331 29.85 -14.48 -12.90
CA LYS A 331 30.31 -13.79 -11.67
C LYS A 331 31.31 -12.65 -11.89
N ALA A 332 32.16 -12.80 -12.91
CA ALA A 332 33.20 -11.80 -13.22
C ALA A 332 32.66 -10.46 -13.73
N ASP A 333 31.43 -10.45 -14.23
CA ASP A 333 30.80 -9.22 -14.73
C ASP A 333 30.48 -8.23 -13.60
N PHE A 334 30.43 -8.73 -12.37
CA PHE A 334 30.15 -7.93 -11.19
C PHE A 334 31.38 -7.77 -10.29
N ALA A 335 32.56 -7.95 -10.88
CA ALA A 335 33.83 -7.73 -10.19
C ALA A 335 34.04 -6.25 -9.91
N LEU A 336 34.74 -5.96 -8.81
CA LEU A 336 34.90 -4.60 -8.34
C LEU A 336 36.37 -4.21 -8.27
N GLU A 337 36.73 -3.16 -8.99
CA GLU A 337 38.08 -2.60 -8.92
C GLU A 337 38.03 -1.17 -8.40
N GLY A 338 38.70 -0.93 -7.28
CA GLY A 338 38.72 0.38 -6.63
C GLY A 338 37.39 0.78 -6.03
N GLY A 339 36.54 -0.21 -5.76
CA GLY A 339 35.18 0.04 -5.31
C GLY A 339 34.28 0.52 -6.44
N TYR A 340 34.64 0.19 -7.68
CA TYR A 340 33.86 0.56 -8.85
C TYR A 340 33.38 -0.68 -9.59
N ILE A 341 32.14 -0.63 -10.05
CA ILE A 341 31.57 -1.71 -10.83
C ILE A 341 31.52 -1.29 -12.30
N ARG A 342 31.66 -2.26 -13.19
CA ARG A 342 31.57 -2.02 -14.62
C ARG A 342 30.13 -2.27 -15.07
N PRO A 343 29.73 -1.74 -16.25
CA PRO A 343 28.40 -2.00 -16.79
C PRO A 343 28.13 -3.48 -17.06
N PRO A 344 26.86 -3.92 -16.93
CA PRO A 344 26.51 -5.28 -17.35
C PRO A 344 26.83 -5.51 -18.83
N ARG A 345 27.26 -6.73 -19.16
CA ARG A 345 27.83 -7.04 -20.48
C ARG A 345 26.87 -7.84 -21.36
N LEU A 346 26.14 -8.77 -20.75
CA LEU A 346 25.26 -9.69 -21.47
C LEU A 346 23.88 -9.09 -21.76
N PRO A 347 23.19 -9.56 -22.83
CA PRO A 347 21.86 -9.03 -23.19
C PRO A 347 20.82 -9.15 -22.08
N GLY A 348 19.92 -8.17 -22.01
CA GLY A 348 18.95 -8.08 -20.91
C GLY A 348 19.55 -7.46 -19.67
N LEU A 349 19.25 -8.03 -18.51
CA LEU A 349 19.81 -7.55 -17.25
C LEU A 349 21.29 -7.88 -17.07
N GLY A 350 21.80 -8.83 -17.86
CA GLY A 350 23.20 -9.20 -17.79
C GLY A 350 23.51 -10.15 -16.65
N VAL A 351 22.54 -10.97 -16.29
CA VAL A 351 22.74 -12.05 -15.32
C VAL A 351 22.44 -13.39 -15.97
N ASP A 352 23.43 -14.27 -16.01
CA ASP A 352 23.20 -15.64 -16.47
C ASP A 352 22.81 -16.49 -15.27
N ILE A 353 21.51 -16.75 -15.18
CA ILE A 353 20.95 -17.46 -14.03
C ILE A 353 21.13 -18.97 -14.19
N ASP A 354 21.67 -19.60 -13.14
CA ASP A 354 21.70 -21.05 -13.06
C ASP A 354 20.29 -21.55 -12.71
N GLU A 355 19.49 -21.78 -13.74
CA GLU A 355 18.09 -22.20 -13.61
C GLU A 355 17.96 -23.52 -12.85
N ALA A 356 18.85 -24.47 -13.15
CA ALA A 356 18.86 -25.78 -12.49
C ALA A 356 19.13 -25.66 -10.98
N LEU A 357 20.12 -24.85 -10.61
CA LEU A 357 20.44 -24.61 -9.20
C LEU A 357 19.38 -23.77 -8.48
N VAL A 358 18.59 -23.03 -9.25
CA VAL A 358 17.42 -22.31 -8.73
C VAL A 358 16.29 -23.29 -8.43
N ILE A 359 15.99 -24.15 -9.40
CA ILE A 359 14.92 -25.15 -9.30
C ILE A 359 15.11 -26.12 -8.13
N GLU A 360 16.33 -26.65 -7.99
CA GLU A 360 16.62 -27.65 -6.94
C GLU A 360 16.60 -27.08 -5.51
N ARG A 361 17.02 -25.84 -5.35
CA ARG A 361 17.06 -25.22 -4.02
C ARG A 361 15.74 -24.59 -3.60
N SER A 362 14.79 -24.52 -4.52
CA SER A 362 13.45 -24.01 -4.23
C SER A 362 12.62 -25.07 -3.49
N LYS A 363 13.00 -26.33 -3.66
CA LYS A 363 12.33 -27.48 -3.02
C LYS A 363 12.38 -27.44 -1.50
N GLU A 364 13.39 -26.76 -0.96
CA GLU A 364 13.53 -26.55 0.48
C GLU A 364 13.12 -25.13 0.83
N ALA A 365 12.10 -24.99 1.67
CA ALA A 365 11.53 -23.68 2.00
C ALA A 365 11.31 -23.49 3.51
N PRO A 366 12.09 -22.58 4.13
CA PRO A 366 11.90 -22.20 5.52
C PRO A 366 10.90 -21.06 5.67
N ASN A 370 10.20 -13.96 9.98
CA ASN A 370 10.90 -12.98 10.80
C ASN A 370 10.18 -12.67 12.12
N PRO A 371 10.91 -12.74 13.25
CA PRO A 371 10.34 -12.57 14.60
C PRO A 371 9.88 -11.14 14.89
N VAL A 372 9.06 -10.99 15.94
CA VAL A 372 8.57 -9.69 16.36
C VAL A 372 9.48 -9.13 17.45
N TRP A 373 10.06 -7.95 17.20
CA TRP A 373 10.82 -7.25 18.21
C TRP A 373 9.90 -6.32 19.02
N ARG A 374 10.07 -6.35 20.33
CA ARG A 374 9.28 -5.54 21.24
C ARG A 374 10.20 -4.75 22.16
N HIS A 375 9.72 -3.59 22.60
CA HIS A 375 10.42 -2.81 23.62
C HIS A 375 10.31 -3.47 25.00
N ALA A 376 11.01 -2.90 25.98
CA ALA A 376 10.98 -3.39 27.36
C ALA A 376 9.57 -3.35 27.93
N ASP A 377 8.83 -2.31 27.56
CA ASP A 377 7.47 -2.10 28.07
C ASP A 377 6.42 -3.05 27.46
N GLY A 378 6.84 -3.81 26.45
CA GLY A 378 6.00 -4.83 25.85
C GLY A 378 5.41 -4.41 24.52
N SER A 379 5.48 -3.12 24.23
CA SER A 379 4.92 -2.57 22.99
C SER A 379 5.70 -3.04 21.78
N VAL A 380 4.99 -3.24 20.69
CA VAL A 380 5.57 -3.69 19.44
C VAL A 380 6.48 -2.60 18.87
N ALA A 381 7.62 -3.01 18.32
CA ALA A 381 8.59 -2.09 17.76
C ALA A 381 8.52 -2.12 16.25
N GLU A 382 8.69 -0.97 15.62
CA GLU A 382 8.68 -0.86 14.17
C GLU A 382 9.79 -1.69 13.53
N TRP A 383 9.45 -2.34 12.42
CA TRP A 383 10.31 -3.28 11.71
C TRP A 383 11.70 -2.77 11.34
N ALA A 384 12.70 -3.61 11.56
CA ALA A 384 14.08 -3.37 11.13
C ALA A 384 14.70 -4.66 10.59
N GLU A 385 15.98 -4.61 10.23
CA GLU A 385 16.65 -5.76 9.62
C GLU A 385 17.77 -6.33 10.48
N ASN A 386 18.23 -7.54 10.13
CA ASN A 386 19.28 -8.24 10.86
C ASN A 386 20.62 -8.23 10.12
N MET B 1 -4.34 -17.24 29.95
CA MET B 1 -5.04 -16.29 29.02
C MET B 1 -5.89 -17.04 27.96
N VAL B 2 -6.89 -16.36 27.42
CA VAL B 2 -7.65 -16.85 26.27
C VAL B 2 -6.72 -16.77 25.05
N LYS B 3 -6.71 -17.81 24.22
CA LYS B 3 -5.85 -17.83 23.04
C LYS B 3 -6.61 -18.02 21.74
N ILE B 4 -6.19 -17.29 20.71
CA ILE B 4 -6.62 -17.52 19.33
C ILE B 4 -6.05 -18.85 18.87
N THR B 5 -6.91 -19.68 18.28
CA THR B 5 -6.53 -21.01 17.81
C THR B 5 -6.32 -21.09 16.30
N ARG B 6 -7.21 -20.42 15.55
CA ARG B 6 -7.31 -20.62 14.11
C ARG B 6 -7.93 -19.42 13.42
N LEU B 7 -7.41 -19.11 12.22
CA LEU B 7 -8.09 -18.23 11.29
C LEU B 7 -8.49 -19.03 10.06
N THR B 8 -9.72 -18.81 9.58
CA THR B 8 -10.22 -19.46 8.37
C THR B 8 -10.88 -18.42 7.45
N THR B 9 -10.56 -18.47 6.17
CA THR B 9 -11.18 -17.60 5.18
C THR B 9 -12.18 -18.36 4.31
N TYR B 10 -13.18 -17.64 3.80
CA TYR B 10 -14.22 -18.23 2.98
C TYR B 10 -14.59 -17.30 1.84
N ARG B 11 -14.14 -17.63 0.63
CA ARG B 11 -14.56 -16.88 -0.56
C ARG B 11 -15.99 -17.28 -0.89
N LEU B 12 -16.82 -16.28 -1.07
CA LEU B 12 -18.24 -16.46 -1.24
C LEU B 12 -18.72 -15.68 -2.43
N PRO B 13 -19.90 -16.02 -2.91
CA PRO B 13 -20.34 -15.79 -4.27
C PRO B 13 -20.37 -14.39 -4.82
N PRO B 14 -20.88 -13.40 -4.13
CA PRO B 14 -20.84 -12.10 -4.77
C PRO B 14 -19.50 -11.55 -4.48
N ARG B 15 -18.48 -12.34 -4.78
CA ARG B 15 -17.12 -11.92 -4.55
C ARG B 15 -16.89 -11.29 -3.20
N TRP B 16 -17.26 -12.00 -2.15
CA TRP B 16 -17.02 -11.55 -0.82
C TRP B 16 -16.08 -12.54 -0.19
N MET B 17 -15.39 -12.12 0.85
CA MET B 17 -14.61 -13.03 1.66
C MET B 17 -14.96 -12.82 3.12
N PHE B 18 -15.33 -13.91 3.78
CA PHE B 18 -15.61 -13.88 5.20
C PHE B 18 -14.41 -14.44 5.94
N LEU B 19 -14.19 -13.94 7.13
CA LEU B 19 -13.06 -14.34 7.94
C LEU B 19 -13.63 -14.86 9.25
N LYS B 20 -13.08 -15.98 9.73
CA LYS B 20 -13.51 -16.56 10.99
C LYS B 20 -12.32 -16.74 11.94
N VAL B 21 -12.36 -16.03 13.06
CA VAL B 21 -11.31 -16.17 14.09
C VAL B 21 -11.85 -16.93 15.28
N GLU B 22 -11.22 -18.07 15.59
CA GLU B 22 -11.63 -18.92 16.70
C GLU B 22 -10.70 -18.80 17.90
N THR B 23 -11.26 -19.03 19.08
CA THR B 23 -10.51 -18.98 20.34
C THR B 23 -10.68 -20.31 21.09
N ASP B 24 -9.82 -20.56 22.08
CA ASP B 24 -9.87 -21.82 22.82
C ASP B 24 -10.90 -21.86 23.96
N GLU B 25 -11.69 -20.80 24.06
CA GLU B 25 -12.81 -20.79 24.98
C GLU B 25 -14.14 -20.84 24.21
N GLY B 26 -14.04 -21.14 22.92
CA GLY B 26 -15.21 -21.38 22.08
C GLY B 26 -15.88 -20.14 21.53
N VAL B 27 -15.28 -18.98 21.79
CA VAL B 27 -15.81 -17.71 21.31
C VAL B 27 -15.24 -17.42 19.91
N THR B 28 -16.13 -17.17 18.96
CA THR B 28 -15.78 -17.00 17.57
C THR B 28 -16.15 -15.60 17.09
N GLY B 29 -15.22 -14.94 16.40
CA GLY B 29 -15.47 -13.63 15.81
C GLY B 29 -15.45 -13.70 14.31
N TRP B 30 -16.22 -12.81 13.67
CA TRP B 30 -16.26 -12.73 12.21
C TRP B 30 -15.83 -11.38 11.67
N GLY B 31 -15.08 -11.42 10.57
CA GLY B 31 -14.59 -10.21 9.93
C GLY B 31 -14.78 -10.29 8.44
N GLU B 32 -14.66 -9.15 7.77
CA GLU B 32 -14.82 -9.11 6.32
C GLU B 32 -13.85 -8.15 5.67
N PRO B 33 -12.84 -8.69 4.96
CA PRO B 33 -11.98 -7.85 4.12
C PRO B 33 -12.63 -7.63 2.76
N VAL B 34 -12.36 -6.52 2.14
CA VAL B 34 -12.84 -6.36 0.82
C VAL B 34 -11.80 -6.94 -0.08
N ILE B 35 -12.23 -7.73 -1.03
CA ILE B 35 -11.29 -8.35 -1.92
C ILE B 35 -11.37 -7.92 -3.36
N GLU B 36 -12.34 -7.12 -3.73
CA GLU B 36 -12.59 -7.03 -5.14
C GLU B 36 -11.31 -6.87 -5.90
N GLY B 37 -11.09 -7.80 -6.79
CA GLY B 37 -10.01 -7.81 -7.73
C GLY B 37 -8.70 -8.45 -7.35
N ARG B 38 -8.43 -8.62 -6.07
CA ARG B 38 -7.20 -9.31 -5.72
C ARG B 38 -7.49 -10.25 -4.61
N ALA B 39 -8.37 -11.18 -4.85
CA ALA B 39 -8.86 -12.09 -3.80
C ALA B 39 -7.76 -12.97 -3.21
N ARG B 40 -6.96 -13.58 -4.08
CA ARG B 40 -5.93 -14.52 -3.64
C ARG B 40 -4.79 -13.87 -2.84
N THR B 41 -4.46 -12.63 -3.18
CA THR B 41 -3.42 -11.85 -2.48
C THR B 41 -3.83 -11.47 -1.06
N VAL B 42 -5.05 -10.96 -0.91
CA VAL B 42 -5.62 -10.62 0.40
C VAL B 42 -5.80 -11.88 1.27
N GLU B 43 -6.25 -12.96 0.65
CA GLU B 43 -6.39 -14.24 1.34
C GLU B 43 -5.05 -14.69 1.92
N ALA B 44 -4.00 -14.60 1.10
CA ALA B 44 -2.64 -14.93 1.51
C ALA B 44 -2.11 -13.98 2.58
N ALA B 45 -2.51 -12.71 2.49
CA ALA B 45 -2.17 -11.71 3.50
C ALA B 45 -2.77 -12.05 4.86
N VAL B 46 -4.05 -12.40 4.88
CA VAL B 46 -4.78 -12.80 6.09
C VAL B 46 -4.07 -13.95 6.80
N HIS B 47 -3.75 -15.00 6.04
CA HIS B 47 -3.08 -16.19 6.59
C HIS B 47 -1.65 -15.95 7.06
N GLU B 48 -0.95 -15.01 6.43
CA GLU B 48 0.39 -14.63 6.88
C GLU B 48 0.36 -13.77 8.14
N LEU B 49 -0.69 -12.95 8.29
CA LEU B 49 -0.85 -12.14 9.49
C LEU B 49 -1.29 -12.97 10.69
N SER B 50 -1.89 -14.13 10.40
CA SER B 50 -2.34 -15.09 11.42
CA SER B 50 -2.35 -15.06 11.44
C SER B 50 -1.20 -15.59 12.29
N ASP B 51 0.01 -15.56 11.75
CA ASP B 51 1.22 -15.96 12.47
C ASP B 51 1.43 -15.11 13.72
N TYR B 52 1.01 -13.85 13.67
CA TYR B 52 1.08 -12.94 14.81
C TYR B 52 -0.12 -13.07 15.75
N LEU B 53 -1.03 -14.00 15.44
CA LEU B 53 -2.31 -14.08 16.15
C LEU B 53 -2.50 -15.39 16.90
N ILE B 54 -2.19 -16.51 16.24
CA ILE B 54 -2.29 -17.85 16.83
C ILE B 54 -1.48 -17.90 18.14
N GLY B 55 -2.16 -18.25 19.22
CA GLY B 55 -1.55 -18.35 20.54
C GLY B 55 -1.60 -17.07 21.35
N GLN B 56 -2.04 -15.99 20.73
CA GLN B 56 -2.08 -14.69 21.41
C GLN B 56 -3.47 -14.41 21.96
N ASP B 57 -3.50 -13.56 22.97
CA ASP B 57 -4.73 -13.15 23.64
C ASP B 57 -5.48 -12.17 22.74
N PRO B 58 -6.72 -12.53 22.30
CA PRO B 58 -7.51 -11.66 21.41
C PRO B 58 -7.96 -10.33 22.03
N SER B 59 -7.86 -10.21 23.35
CA SER B 59 -8.30 -9.01 24.05
C SER B 59 -7.34 -7.83 23.85
N ARG B 60 -6.08 -8.13 23.50
CA ARG B 60 -5.06 -7.11 23.26
C ARG B 60 -5.11 -6.62 21.81
N ILE B 61 -6.27 -6.11 21.39
CA ILE B 61 -6.50 -5.75 19.97
C ILE B 61 -5.58 -4.63 19.53
N ASN B 62 -5.32 -3.68 20.42
CA ASN B 62 -4.38 -2.61 20.13
C ASN B 62 -2.98 -3.13 19.84
N ASP B 63 -2.49 -4.03 20.69
CA ASP B 63 -1.19 -4.65 20.48
C ASP B 63 -1.15 -5.43 19.18
N LEU B 64 -2.16 -6.27 18.98
CA LEU B 64 -2.25 -7.08 17.76
C LEU B 64 -2.37 -6.25 16.49
N TRP B 65 -3.16 -5.16 16.55
CA TRP B 65 -3.32 -4.25 15.41
C TRP B 65 -1.99 -3.64 15.04
N GLN B 66 -1.26 -3.15 16.05
CA GLN B 66 0.06 -2.56 15.84
C GLN B 66 1.06 -3.58 15.33
N THR B 67 0.92 -4.82 15.78
CA THR B 67 1.82 -5.91 15.37
C THR B 67 1.63 -6.25 13.88
N MET B 68 0.38 -6.38 13.47
CA MET B 68 0.05 -6.61 12.05
C MET B 68 0.45 -5.44 11.18
N TYR B 69 0.32 -4.22 11.71
CA TYR B 69 0.57 -3.00 10.94
C TYR B 69 2.05 -2.67 10.74
N ARG B 70 2.87 -2.77 11.79
CA ARG B 70 4.21 -2.21 11.68
C ARG B 70 5.40 -3.12 12.03
N ALA B 71 5.13 -4.30 12.59
CA ALA B 71 6.18 -5.11 13.22
C ALA B 71 7.06 -5.96 12.31
N GLY B 72 6.46 -6.59 11.30
CA GLY B 72 7.18 -7.58 10.51
C GLY B 72 7.48 -7.19 9.08
N PHE B 73 7.02 -6.00 8.70
CA PHE B 73 7.08 -5.55 7.30
C PHE B 73 6.96 -4.03 7.27
N TYR B 74 7.09 -3.49 6.07
CA TYR B 74 6.71 -2.11 5.75
C TYR B 74 5.19 -1.94 5.95
N ARG B 75 4.81 -0.71 6.30
CA ARG B 75 3.43 -0.40 6.66
C ARG B 75 2.45 -0.39 5.48
N GLY B 76 1.21 -0.77 5.78
CA GLY B 76 0.04 -0.29 5.05
C GLY B 76 -0.21 -0.78 3.65
N GLY B 77 -0.87 0.05 2.85
CA GLY B 77 -1.20 -0.30 1.47
C GLY B 77 -2.53 -1.02 1.36
N PRO B 78 -3.10 -1.08 0.14
CA PRO B 78 -4.44 -1.63 -0.09
C PRO B 78 -4.62 -3.12 0.23
N ILE B 79 -3.56 -3.91 0.12
CA ILE B 79 -3.65 -5.35 0.40
C ILE B 79 -3.67 -5.61 1.91
N LEU B 80 -2.65 -5.11 2.60
CA LEU B 80 -2.46 -5.39 4.01
C LEU B 80 -3.51 -4.73 4.89
N MET B 81 -3.90 -3.51 4.56
CA MET B 81 -4.90 -2.81 5.37
C MET B 81 -6.29 -3.43 5.26
N SER B 82 -6.62 -4.01 4.11
CA SER B 82 -7.85 -4.77 3.94
C SER B 82 -7.84 -6.05 4.78
N ALA B 83 -6.70 -6.73 4.81
CA ALA B 83 -6.51 -7.93 5.61
C ALA B 83 -6.59 -7.62 7.10
N ILE B 84 -5.91 -6.56 7.52
CA ILE B 84 -5.92 -6.08 8.91
C ILE B 84 -7.33 -5.67 9.34
N ALA B 85 -8.05 -5.03 8.41
CA ALA B 85 -9.43 -4.61 8.64
C ALA B 85 -10.35 -5.76 8.98
N GLY B 86 -10.23 -6.86 8.23
CA GLY B 86 -11.01 -8.07 8.47
C GLY B 86 -10.69 -8.73 9.79
N ILE B 87 -9.40 -8.79 10.14
CA ILE B 87 -8.97 -9.38 11.42
C ILE B 87 -9.45 -8.52 12.60
N ASP B 88 -9.31 -7.20 12.47
CA ASP B 88 -9.78 -6.22 13.45
C ASP B 88 -11.27 -6.36 13.75
N GLN B 89 -12.08 -6.50 12.69
CA GLN B 89 -13.53 -6.68 12.84
C GLN B 89 -13.86 -7.91 13.68
N ALA B 90 -13.19 -9.02 13.39
CA ALA B 90 -13.36 -10.28 14.12
C ALA B 90 -12.86 -10.23 15.57
N LEU B 91 -11.74 -9.55 15.80
CA LEU B 91 -11.17 -9.43 17.15
C LEU B 91 -12.09 -8.66 18.08
N TRP B 92 -12.66 -7.59 17.56
CA TRP B 92 -13.63 -6.79 18.28
C TRP B 92 -14.94 -7.56 18.48
N ASP B 93 -15.29 -8.38 17.51
CA ASP B 93 -16.46 -9.25 17.61
C ASP B 93 -16.28 -10.20 18.78
N ILE B 94 -15.07 -10.75 18.92
CA ILE B 94 -14.71 -11.59 20.07
C ILE B 94 -14.88 -10.84 21.38
N LYS B 95 -14.26 -9.67 21.46
CA LYS B 95 -14.30 -8.82 22.66
C LYS B 95 -15.72 -8.49 23.11
N GLY B 96 -16.61 -8.20 22.17
CA GLY B 96 -18.01 -7.91 22.47
C GLY B 96 -18.79 -9.12 22.97
N LYS B 97 -18.52 -10.29 22.41
CA LYS B 97 -19.17 -11.53 22.84
C LYS B 97 -18.68 -11.97 24.23
N VAL B 98 -17.37 -11.81 24.48
CA VAL B 98 -16.77 -12.13 25.79
C VAL B 98 -17.39 -11.26 26.89
N LEU B 99 -17.58 -9.98 26.58
CA LEU B 99 -18.13 -9.06 27.57
C LEU B 99 -19.65 -8.90 27.46
N GLY B 100 -20.25 -9.65 26.53
CA GLY B 100 -21.71 -9.74 26.44
C GLY B 100 -22.43 -8.48 26.02
N VAL B 101 -21.77 -7.63 25.22
CA VAL B 101 -22.34 -6.36 24.73
C VAL B 101 -22.00 -6.09 23.26
N PRO B 102 -22.78 -5.22 22.59
CA PRO B 102 -22.37 -4.72 21.27
C PRO B 102 -21.05 -3.93 21.32
N VAL B 103 -20.36 -3.87 20.19
CA VAL B 103 -19.09 -3.16 20.06
C VAL B 103 -19.14 -1.67 20.44
N TYR B 104 -20.24 -0.99 20.08
CA TYR B 104 -20.39 0.44 20.40
C TYR B 104 -20.41 0.74 21.88
N GLU B 105 -20.81 -0.25 22.67
CA GLU B 105 -20.85 -0.10 24.13
C GLU B 105 -19.43 -0.04 24.69
N LEU B 106 -18.51 -0.77 24.06
CA LEU B 106 -17.10 -0.76 24.45
C LEU B 106 -16.45 0.56 24.07
N LEU B 107 -16.89 1.11 22.94
CA LEU B 107 -16.30 2.32 22.38
C LEU B 107 -16.90 3.62 22.91
N GLY B 108 -17.46 3.57 24.11
CA GLY B 108 -17.99 4.76 24.78
C GLY B 108 -19.50 4.90 24.74
N GLY B 109 -20.18 3.94 24.14
CA GLY B 109 -21.65 3.96 24.09
C GLY B 109 -22.22 4.79 22.94
N LEU B 110 -23.54 4.79 22.84
CA LEU B 110 -24.25 5.50 21.77
C LEU B 110 -24.05 6.99 21.81
N VAL B 111 -23.89 7.58 20.62
CA VAL B 111 -23.84 9.02 20.46
C VAL B 111 -25.11 9.48 19.72
N ARG B 112 -25.86 8.50 19.21
CA ARG B 112 -27.16 8.72 18.59
C ARG B 112 -28.05 7.50 18.79
N ASP B 113 -29.32 7.61 18.39
CA ASP B 113 -30.30 6.55 18.60
C ASP B 113 -30.53 5.72 17.35
N LYS B 114 -30.31 6.34 16.19
CA LYS B 114 -30.47 5.69 14.90
C LYS B 114 -29.56 6.38 13.87
N MET B 115 -29.28 5.69 12.77
CA MET B 115 -28.33 6.20 11.80
C MET B 115 -28.99 6.35 10.43
N ARG B 116 -28.86 7.53 9.83
CA ARG B 116 -29.41 7.78 8.51
C ARG B 116 -28.63 6.99 7.46
N THR B 117 -29.35 6.17 6.71
CA THR B 117 -28.79 5.43 5.61
C THR B 117 -29.19 6.05 4.27
N TYR B 118 -28.38 5.77 3.26
CA TYR B 118 -28.75 6.01 1.87
C TYR B 118 -28.27 4.83 1.06
N SER B 119 -28.94 4.57 -0.05
CA SER B 119 -28.56 3.46 -0.90
C SER B 119 -28.21 3.90 -2.31
N TRP B 120 -27.40 3.08 -2.98
CA TRP B 120 -27.07 3.27 -4.37
C TRP B 120 -28.21 2.74 -5.23
N VAL B 121 -28.63 3.53 -6.21
CA VAL B 121 -29.64 3.12 -7.18
C VAL B 121 -28.96 3.03 -8.54
N GLY B 122 -29.28 1.99 -9.30
CA GLY B 122 -28.72 1.79 -10.63
C GLY B 122 -29.76 1.89 -11.73
N GLY B 123 -29.34 1.58 -12.95
CA GLY B 123 -30.22 1.66 -14.11
C GLY B 123 -29.50 2.33 -15.26
N ASP B 124 -29.66 1.76 -16.45
CA ASP B 124 -28.97 2.24 -17.65
C ASP B 124 -29.56 3.56 -18.13
N ARG B 125 -30.88 3.67 -18.10
CA ARG B 125 -31.57 4.87 -18.53
C ARG B 125 -32.08 5.64 -17.32
N PRO B 126 -32.27 6.98 -17.45
CA PRO B 126 -32.85 7.76 -16.36
C PRO B 126 -34.21 7.27 -15.89
N ALA B 127 -35.03 6.75 -16.81
CA ALA B 127 -36.38 6.23 -16.50
C ALA B 127 -36.33 5.06 -15.52
N ASP B 128 -35.30 4.22 -15.68
CA ASP B 128 -35.07 3.08 -14.79
C ASP B 128 -34.63 3.55 -13.41
N VAL B 129 -33.71 4.52 -13.36
CA VAL B 129 -33.19 5.09 -12.12
C VAL B 129 -34.31 5.73 -11.30
N ILE B 130 -35.11 6.57 -11.97
CA ILE B 130 -36.30 7.19 -11.39
C ILE B 130 -37.23 6.16 -10.73
N ALA B 131 -37.54 5.09 -11.47
CA ALA B 131 -38.42 4.01 -10.99
C ALA B 131 -37.87 3.33 -9.74
N GLY B 132 -36.58 3.02 -9.77
CA GLY B 132 -35.88 2.43 -8.62
C GLY B 132 -35.89 3.36 -7.41
N MET B 133 -35.64 4.64 -7.67
CA MET B 133 -35.68 5.69 -6.64
C MET B 133 -37.06 5.83 -6.02
N LYS B 134 -38.10 5.80 -6.87
CA LYS B 134 -39.49 5.84 -6.41
C LYS B 134 -39.88 4.59 -5.60
N ALA B 135 -39.33 3.45 -5.99
CA ALA B 135 -39.55 2.18 -5.28
C ALA B 135 -38.99 2.23 -3.86
N LEU B 136 -37.82 2.85 -3.71
CA LEU B 136 -37.20 3.01 -2.40
C LEU B 136 -37.85 4.15 -1.62
N GLN B 137 -38.32 5.16 -2.35
CA GLN B 137 -38.95 6.34 -1.74
C GLN B 137 -40.25 5.99 -1.02
N ALA B 138 -41.02 5.08 -1.62
CA ALA B 138 -42.25 4.56 -1.02
C ALA B 138 -41.96 3.84 0.30
N GLY B 139 -40.75 3.29 0.41
CA GLY B 139 -40.26 2.70 1.66
C GLY B 139 -39.57 3.69 2.58
N GLY B 140 -39.76 4.99 2.36
CA GLY B 140 -39.28 6.01 3.30
C GLY B 140 -37.93 6.64 3.02
N PHE B 141 -37.23 6.13 1.99
CA PHE B 141 -35.94 6.71 1.57
C PHE B 141 -36.09 8.06 0.90
N ASP B 142 -35.13 8.95 1.15
CA ASP B 142 -35.09 10.26 0.49
C ASP B 142 -33.66 10.67 0.14
N HIS B 143 -32.70 9.84 0.51
CA HIS B 143 -31.29 10.04 0.15
C HIS B 143 -30.81 8.89 -0.70
N PHE B 144 -30.07 9.20 -1.76
CA PHE B 144 -29.63 8.20 -2.73
C PHE B 144 -28.21 8.46 -3.22
N LYS B 145 -27.57 7.44 -3.75
CA LYS B 145 -26.32 7.61 -4.49
C LYS B 145 -26.51 7.06 -5.89
N LEU B 146 -26.04 7.78 -6.88
CA LEU B 146 -26.09 7.30 -8.27
C LEU B 146 -24.70 7.40 -8.89
N ASN B 147 -24.51 6.66 -9.98
CA ASN B 147 -23.35 6.84 -10.85
C ASN B 147 -23.57 8.07 -11.71
N GLY B 148 -22.52 8.85 -11.88
CA GLY B 148 -22.61 10.08 -12.64
C GLY B 148 -22.62 9.89 -14.16
N CYS B 149 -22.10 8.75 -14.62
CA CYS B 149 -22.05 8.47 -16.05
C CYS B 149 -22.93 7.28 -16.43
N GLU B 150 -23.63 7.45 -17.56
CA GLU B 150 -24.62 6.48 -18.08
C GLU B 150 -24.06 5.07 -18.23
N GLU B 151 -22.86 4.97 -18.81
CA GLU B 151 -22.17 3.70 -18.95
C GLU B 151 -20.70 3.83 -18.54
N MET B 152 -19.95 2.74 -18.68
CA MET B 152 -18.51 2.73 -18.49
C MET B 152 -17.80 3.61 -19.52
N GLY B 153 -16.71 4.24 -19.12
CA GLY B 153 -15.97 5.13 -20.00
C GLY B 153 -15.66 6.48 -19.38
N ILE B 154 -14.62 7.12 -19.89
CA ILE B 154 -14.16 8.40 -19.35
C ILE B 154 -14.92 9.59 -19.96
N ILE B 155 -15.23 10.58 -19.13
CA ILE B 155 -15.79 11.84 -19.59
C ILE B 155 -14.64 12.77 -19.99
N ASP B 156 -14.43 12.88 -21.30
CA ASP B 156 -13.36 13.70 -21.87
C ASP B 156 -13.84 14.60 -23.02
N THR B 157 -15.15 14.63 -23.25
CA THR B 157 -15.72 15.49 -24.28
C THR B 157 -16.90 16.28 -23.75
N SER B 158 -17.14 17.44 -24.36
CA SER B 158 -18.32 18.28 -24.13
C SER B 158 -19.62 17.48 -24.29
N ARG B 159 -19.63 16.65 -25.32
CA ARG B 159 -20.74 15.74 -25.61
C ARG B 159 -21.01 14.80 -24.44
N ALA B 160 -19.93 14.24 -23.88
CA ALA B 160 -20.04 13.33 -22.73
C ALA B 160 -20.44 14.05 -21.44
N VAL B 161 -19.92 15.27 -21.25
CA VAL B 161 -20.36 16.16 -20.17
C VAL B 161 -21.86 16.42 -20.29
N ASP B 162 -22.30 16.87 -21.47
CA ASP B 162 -23.69 17.21 -21.74
C ASP B 162 -24.66 16.06 -21.55
N ALA B 163 -24.22 14.85 -21.90
CA ALA B 163 -25.05 13.65 -21.76
C ALA B 163 -25.18 13.21 -20.30
N ALA B 164 -24.10 13.38 -19.54
CA ALA B 164 -24.10 13.09 -18.11
C ALA B 164 -24.99 14.07 -17.36
N VAL B 165 -24.92 15.34 -17.76
CA VAL B 165 -25.79 16.39 -17.19
C VAL B 165 -27.27 16.15 -17.51
N ALA B 166 -27.56 15.82 -18.77
CA ALA B 166 -28.93 15.60 -19.25
C ALA B 166 -29.62 14.47 -18.51
N ARG B 167 -28.86 13.41 -18.24
CA ARG B 167 -29.32 12.28 -17.43
CA ARG B 167 -29.31 12.28 -17.43
C ARG B 167 -29.71 12.75 -16.02
N VAL B 168 -28.79 13.47 -15.37
CA VAL B 168 -28.98 14.00 -14.02
C VAL B 168 -30.14 15.00 -13.97
N ALA B 169 -30.22 15.85 -15.00
CA ALA B 169 -31.31 16.81 -15.17
C ALA B 169 -32.66 16.13 -15.19
N GLU B 170 -32.78 15.08 -16.01
CA GLU B 170 -34.02 14.32 -16.15
C GLU B 170 -34.41 13.58 -14.87
N ILE B 171 -33.41 13.04 -14.16
CA ILE B 171 -33.63 12.42 -12.85
C ILE B 171 -34.14 13.46 -11.84
N ARG B 172 -33.54 14.65 -11.86
CA ARG B 172 -33.93 15.74 -10.96
C ARG B 172 -35.36 16.26 -11.19
N SER B 173 -35.79 16.31 -12.46
CA SER B 173 -37.13 16.80 -12.84
CA SER B 173 -37.12 16.83 -12.80
C SER B 173 -38.27 15.99 -12.23
N ALA B 174 -38.01 14.71 -11.99
CA ALA B 174 -39.02 13.80 -11.45
C ALA B 174 -39.29 13.98 -9.96
N PHE B 175 -38.42 14.72 -9.29
CA PHE B 175 -38.43 14.81 -7.84
C PHE B 175 -38.34 16.23 -7.32
N GLY B 176 -37.61 17.08 -8.04
CA GLY B 176 -37.26 18.42 -7.54
C GLY B 176 -36.37 18.26 -6.32
N ASN B 177 -36.54 19.14 -5.33
CA ASN B 177 -35.73 19.10 -4.10
C ASN B 177 -36.28 18.16 -3.03
N THR B 178 -37.21 17.29 -3.41
CA THR B 178 -37.86 16.37 -2.46
C THR B 178 -36.95 15.22 -2.08
N VAL B 179 -36.03 14.87 -2.97
CA VAL B 179 -35.00 13.90 -2.63
C VAL B 179 -33.60 14.48 -2.79
N GLU B 180 -32.64 13.84 -2.11
CA GLU B 180 -31.23 14.15 -2.28
C GLU B 180 -30.55 13.00 -2.98
N PHE B 181 -29.67 13.31 -3.93
CA PHE B 181 -28.77 12.31 -4.47
C PHE B 181 -27.32 12.79 -4.59
N GLY B 182 -26.39 11.88 -4.33
CA GLY B 182 -24.99 12.12 -4.60
C GLY B 182 -24.65 11.49 -5.94
N LEU B 183 -23.56 11.97 -6.55
CA LEU B 183 -23.12 11.40 -7.80
C LEU B 183 -21.69 10.90 -7.69
N ASP B 184 -21.51 9.62 -7.97
CA ASP B 184 -20.19 9.03 -7.99
C ASP B 184 -19.72 8.90 -9.43
N PHE B 185 -18.54 9.46 -9.70
CA PHE B 185 -17.94 9.42 -11.04
C PHE B 185 -16.78 8.46 -11.13
N HIS B 186 -16.39 7.88 -9.98
CA HIS B 186 -15.34 6.84 -9.90
C HIS B 186 -13.98 7.29 -10.48
N GLY B 187 -13.71 8.59 -10.44
CA GLY B 187 -12.49 9.14 -11.03
C GLY B 187 -12.40 9.10 -12.55
N ARG B 188 -13.54 8.88 -13.21
CA ARG B 188 -13.56 8.68 -14.66
C ARG B 188 -13.88 9.96 -15.44
N VAL B 189 -13.32 11.07 -14.99
CA VAL B 189 -13.47 12.35 -15.67
C VAL B 189 -12.06 12.87 -15.92
N SER B 190 -11.78 13.29 -17.16
CA SER B 190 -10.48 13.89 -17.45
C SER B 190 -10.36 15.19 -16.69
N ALA B 191 -9.17 15.46 -16.17
CA ALA B 191 -8.89 16.68 -15.41
C ALA B 191 -9.14 18.00 -16.18
N PRO B 192 -9.02 18.00 -17.52
CA PRO B 192 -9.54 19.16 -18.24
C PRO B 192 -11.06 19.32 -18.20
N MET B 193 -11.80 18.20 -18.20
CA MET B 193 -13.26 18.26 -18.23
C MET B 193 -13.92 18.40 -16.86
N ALA B 194 -13.11 18.33 -15.80
CA ALA B 194 -13.62 18.25 -14.44
C ALA B 194 -14.43 19.48 -14.01
N LYS B 195 -13.81 20.65 -14.16
CA LYS B 195 -14.44 21.90 -13.71
C LYS B 195 -15.71 22.26 -14.48
N VAL B 196 -15.75 21.93 -15.77
CA VAL B 196 -16.94 22.24 -16.57
C VAL B 196 -18.12 21.31 -16.24
N LEU B 197 -17.81 20.04 -15.99
CA LEU B 197 -18.82 19.05 -15.60
C LEU B 197 -19.44 19.43 -14.26
N ILE B 198 -18.57 19.67 -13.29
CA ILE B 198 -18.95 20.10 -11.94
C ILE B 198 -19.84 21.35 -12.02
N LYS B 199 -19.42 22.35 -12.81
CA LYS B 199 -20.17 23.59 -12.97
C LYS B 199 -21.55 23.36 -13.60
N GLU B 200 -21.59 22.55 -14.65
CA GLU B 200 -22.83 22.20 -15.33
C GLU B 200 -23.82 21.38 -14.47
N LEU B 201 -23.31 20.77 -13.39
CA LEU B 201 -24.13 19.99 -12.48
C LEU B 201 -24.73 20.79 -11.34
N GLU B 202 -24.29 22.04 -11.20
CA GLU B 202 -24.73 22.91 -10.11
C GLU B 202 -26.23 23.28 -10.04
N PRO B 203 -26.90 23.50 -11.20
CA PRO B 203 -28.33 23.83 -11.06
C PRO B 203 -29.18 22.66 -10.57
N TYR B 204 -28.68 21.44 -10.76
CA TYR B 204 -29.41 20.22 -10.42
C TYR B 204 -29.09 19.72 -9.02
N ARG B 205 -28.18 20.43 -8.36
CA ARG B 205 -27.95 20.33 -6.92
C ARG B 205 -27.74 18.92 -6.36
N PRO B 206 -26.69 18.21 -6.83
CA PRO B 206 -26.43 16.95 -6.16
C PRO B 206 -25.92 17.20 -4.74
N LEU B 207 -26.21 16.29 -3.83
CA LEU B 207 -25.77 16.40 -2.44
C LEU B 207 -24.24 16.42 -2.38
N PHE B 208 -23.60 15.60 -3.20
CA PHE B 208 -22.16 15.61 -3.36
C PHE B 208 -21.75 15.12 -4.74
N ILE B 209 -20.51 15.42 -5.10
CA ILE B 209 -19.86 14.80 -6.24
C ILE B 209 -18.73 13.95 -5.68
N GLU B 210 -18.88 12.64 -5.78
CA GLU B 210 -17.92 11.70 -5.25
C GLU B 210 -16.88 11.33 -6.29
N GLU B 211 -15.61 11.47 -5.90
CA GLU B 211 -14.44 11.07 -6.70
C GLU B 211 -14.53 11.55 -8.15
N PRO B 212 -14.51 12.89 -8.37
CA PRO B 212 -14.62 13.36 -9.75
C PRO B 212 -13.41 12.98 -10.59
N VAL B 213 -12.22 13.20 -10.05
CA VAL B 213 -10.97 12.80 -10.67
C VAL B 213 -10.17 11.96 -9.66
N LEU B 214 -9.14 11.28 -10.15
CA LEU B 214 -8.17 10.66 -9.25
C LEU B 214 -7.06 11.65 -8.98
N ALA B 215 -7.06 12.20 -7.76
CA ALA B 215 -6.11 13.21 -7.37
C ALA B 215 -4.73 12.61 -7.08
N GLU B 216 -3.74 13.05 -7.84
CA GLU B 216 -2.34 12.72 -7.57
C GLU B 216 -1.88 13.54 -6.36
N GLN B 217 -2.08 14.85 -6.45
CA GLN B 217 -1.78 15.77 -5.36
C GLN B 217 -3.03 16.02 -4.53
N ALA B 218 -2.85 16.36 -3.25
CA ALA B 218 -3.98 16.66 -2.37
C ALA B 218 -4.61 18.01 -2.70
N GLU B 219 -3.80 18.91 -3.26
CA GLU B 219 -4.23 20.25 -3.68
C GLU B 219 -5.25 20.27 -4.83
N THR B 220 -5.39 19.13 -5.51
CA THR B 220 -6.34 18.97 -6.61
C THR B 220 -7.79 19.19 -6.16
N TYR B 221 -8.15 18.56 -5.05
CA TYR B 221 -9.51 18.67 -4.50
C TYR B 221 -9.82 20.10 -4.05
N ALA B 222 -8.83 20.75 -3.43
CA ALA B 222 -8.96 22.13 -2.98
C ALA B 222 -9.17 23.10 -4.13
N ARG B 223 -8.53 22.82 -5.28
CA ARG B 223 -8.68 23.66 -6.45
C ARG B 223 -10.04 23.45 -7.12
N LEU B 224 -10.54 22.21 -7.11
CA LEU B 224 -11.87 21.94 -7.64
C LEU B 224 -12.95 22.57 -6.77
N ALA B 225 -12.78 22.46 -5.45
CA ALA B 225 -13.78 22.93 -4.49
C ALA B 225 -13.89 24.45 -4.42
N ALA B 226 -12.80 25.14 -4.76
CA ALA B 226 -12.77 26.60 -4.77
C ALA B 226 -13.55 27.18 -5.96
N HIS B 227 -13.86 26.32 -6.92
CA HIS B 227 -14.62 26.70 -8.11
C HIS B 227 -16.11 26.48 -7.97
N THR B 228 -16.50 25.66 -7.00
CA THR B 228 -17.89 25.20 -6.92
C THR B 228 -18.52 25.32 -5.55
N HIS B 229 -19.85 25.34 -5.52
CA HIS B 229 -20.58 25.27 -4.27
C HIS B 229 -20.90 23.83 -3.87
N LEU B 230 -20.78 22.91 -4.84
CA LEU B 230 -21.07 21.50 -4.60
C LEU B 230 -19.99 20.83 -3.75
N PRO B 231 -20.40 20.02 -2.75
CA PRO B 231 -19.47 19.28 -1.90
C PRO B 231 -18.77 18.16 -2.65
N ILE B 232 -17.47 18.01 -2.39
CA ILE B 232 -16.69 16.91 -2.95
C ILE B 232 -16.55 15.81 -1.91
N ALA B 233 -16.93 14.60 -2.29
CA ALA B 233 -16.75 13.43 -1.45
C ALA B 233 -15.57 12.58 -1.92
N ALA B 234 -14.79 12.08 -0.97
CA ALA B 234 -13.65 11.20 -1.25
C ALA B 234 -13.34 10.37 -0.01
N GLY B 235 -12.59 9.30 -0.20
CA GLY B 235 -12.12 8.52 0.93
C GLY B 235 -11.88 7.05 0.67
N GLU B 236 -12.55 6.50 -0.34
CA GLU B 236 -12.53 5.05 -0.56
C GLU B 236 -11.17 4.50 -1.01
N ARG B 237 -10.34 5.37 -1.60
CA ARG B 237 -9.01 5.00 -2.09
C ARG B 237 -7.92 5.35 -1.09
N MET B 238 -8.31 5.69 0.14
CA MET B 238 -7.36 6.03 1.19
C MET B 238 -7.33 4.95 2.24
N PHE B 239 -6.12 4.52 2.60
CA PHE B 239 -5.97 3.33 3.42
C PHE B 239 -5.35 3.60 4.80
N SER B 240 -4.57 4.68 4.90
CA SER B 240 -3.99 5.06 6.19
C SER B 240 -4.54 6.39 6.68
N ARG B 241 -4.61 6.55 7.99
CA ARG B 241 -4.98 7.80 8.66
C ARG B 241 -4.18 9.01 8.16
N PHE B 242 -2.94 8.74 7.75
CA PHE B 242 -2.02 9.77 7.28
C PHE B 242 -2.33 10.20 5.85
N ASP B 243 -2.98 9.32 5.09
CA ASP B 243 -3.55 9.68 3.78
C ASP B 243 -4.76 10.57 3.97
N PHE B 244 -5.55 10.26 4.99
CA PHE B 244 -6.74 11.04 5.31
C PHE B 244 -6.39 12.43 5.82
N LYS B 245 -5.36 12.52 6.68
CA LYS B 245 -4.90 13.78 7.27
C LYS B 245 -4.47 14.79 6.21
N ARG B 246 -3.70 14.31 5.24
CA ARG B 246 -3.18 15.10 4.12
C ARG B 246 -4.31 15.76 3.33
N VAL B 247 -5.31 14.98 2.99
CA VAL B 247 -6.47 15.41 2.20
C VAL B 247 -7.32 16.40 3.01
N LEU B 248 -7.46 16.11 4.30
CA LEU B 248 -8.16 17.01 5.22
C LEU B 248 -7.42 18.33 5.45
N GLU B 249 -6.07 18.27 5.50
CA GLU B 249 -5.20 19.44 5.64
C GLU B 249 -5.23 20.36 4.42
N ALA B 250 -5.37 19.75 3.24
CA ALA B 250 -5.47 20.49 1.98
C ALA B 250 -6.80 21.21 1.85
N GLY B 251 -7.84 20.66 2.49
CA GLY B 251 -9.21 21.16 2.33
C GLY B 251 -9.79 20.70 1.00
N GLY B 252 -11.02 21.12 0.73
CA GLY B 252 -11.63 20.80 -0.55
C GLY B 252 -12.52 19.58 -0.57
N VAL B 253 -12.37 18.71 0.42
CA VAL B 253 -13.27 17.57 0.57
C VAL B 253 -14.20 17.87 1.75
N SER B 254 -15.50 17.96 1.45
CA SER B 254 -16.50 18.29 2.45
C SER B 254 -17.02 17.05 3.17
N ILE B 255 -17.04 15.92 2.45
CA ILE B 255 -17.53 14.66 3.01
C ILE B 255 -16.47 13.57 2.89
N LEU B 256 -16.02 13.06 4.04
CA LEU B 256 -14.99 12.02 4.07
C LEU B 256 -15.65 10.65 4.18
N GLN B 257 -15.22 9.73 3.34
CA GLN B 257 -15.84 8.40 3.25
C GLN B 257 -14.85 7.26 3.49
N PRO B 258 -14.42 7.05 4.76
CA PRO B 258 -13.48 5.95 4.99
C PRO B 258 -14.14 4.58 4.85
N ASP B 259 -13.42 3.65 4.25
CA ASP B 259 -13.90 2.28 4.13
C ASP B 259 -13.40 1.47 5.31
N LEU B 260 -14.34 0.85 6.02
CA LEU B 260 -14.01 0.04 7.19
C LEU B 260 -13.35 -1.29 6.85
N SER B 261 -13.59 -1.77 5.64
CA SER B 261 -12.95 -2.99 5.20
C SER B 261 -11.65 -2.73 4.48
N HIS B 262 -11.27 -1.47 4.38
CA HIS B 262 -10.02 -1.14 3.72
C HIS B 262 -9.05 -0.31 4.55
N ALA B 263 -9.55 0.59 5.38
CA ALA B 263 -8.67 1.47 6.14
C ALA B 263 -8.35 0.97 7.57
N GLY B 264 -8.08 -0.32 7.71
CA GLY B 264 -7.62 -0.88 8.99
C GLY B 264 -8.67 -1.26 10.04
N GLY B 265 -9.95 -1.25 9.65
CA GLY B 265 -11.02 -1.72 10.52
C GLY B 265 -11.51 -0.69 11.51
N ILE B 266 -12.25 -1.17 12.51
CA ILE B 266 -12.84 -0.33 13.56
C ILE B 266 -11.79 0.49 14.32
N THR B 267 -10.70 -0.15 14.73
CA THR B 267 -9.64 0.49 15.52
C THR B 267 -9.08 1.75 14.87
N GLU B 268 -8.87 1.69 13.55
CA GLU B 268 -8.36 2.83 12.81
C GLU B 268 -9.47 3.80 12.38
N CYS B 269 -10.63 3.28 12.00
CA CYS B 269 -11.73 4.15 11.54
C CYS B 269 -12.38 5.02 12.61
N VAL B 270 -12.33 4.58 13.87
CA VAL B 270 -12.79 5.44 14.96
CA VAL B 270 -12.77 5.41 14.99
C VAL B 270 -11.84 6.62 15.16
N LYS B 271 -10.57 6.40 14.86
CA LYS B 271 -9.54 7.43 14.95
C LYS B 271 -9.63 8.39 13.77
N ILE B 272 -9.98 7.85 12.60
CA ILE B 272 -10.16 8.65 11.38
C ILE B 272 -11.34 9.60 11.58
N ALA B 273 -12.45 9.05 12.08
CA ALA B 273 -13.64 9.83 12.41
C ALA B 273 -13.36 10.92 13.45
N ALA B 274 -12.53 10.59 14.44
CA ALA B 274 -12.11 11.55 15.46
C ALA B 274 -11.26 12.65 14.86
N MET B 275 -10.38 12.27 13.94
CA MET B 275 -9.50 13.22 13.27
C MET B 275 -10.29 14.21 12.41
N ALA B 276 -11.31 13.69 11.72
CA ALA B 276 -12.18 14.49 10.85
C ALA B 276 -13.00 15.56 11.60
N GLU B 277 -13.29 15.30 12.87
CA GLU B 277 -14.06 16.22 13.72
C GLU B 277 -13.37 17.57 13.94
N ALA B 278 -12.03 17.60 13.82
CA ALA B 278 -11.23 18.81 13.99
C ALA B 278 -11.12 19.61 12.69
N TYR B 279 -11.87 19.16 11.68
CA TYR B 279 -11.97 19.84 10.39
C TYR B 279 -13.46 20.02 10.11
N ASP B 280 -13.80 20.91 9.18
CA ASP B 280 -15.21 21.20 8.90
C ASP B 280 -15.78 20.24 7.86
N VAL B 281 -15.78 18.96 8.21
CA VAL B 281 -16.16 17.90 7.28
C VAL B 281 -17.18 16.95 7.90
N ALA B 282 -18.07 16.44 7.04
CA ALA B 282 -19.04 15.44 7.46
C ALA B 282 -18.46 14.07 7.21
N LEU B 283 -18.81 13.10 8.05
CA LEU B 283 -18.30 11.75 7.89
C LEU B 283 -19.40 10.83 7.36
N ALA B 284 -19.09 10.10 6.29
CA ALA B 284 -20.04 9.17 5.70
C ALA B 284 -19.32 7.92 5.17
N PRO B 285 -19.08 6.93 6.07
CA PRO B 285 -18.29 5.73 5.78
C PRO B 285 -18.68 4.98 4.50
N HIS B 286 -17.70 4.74 3.65
CA HIS B 286 -17.89 3.97 2.42
C HIS B 286 -18.00 2.51 2.84
N CYS B 287 -19.23 2.05 3.03
CA CYS B 287 -19.38 0.71 3.52
C CYS B 287 -19.43 -0.32 2.41
N PRO B 288 -18.69 -1.43 2.57
CA PRO B 288 -18.71 -2.54 1.64
C PRO B 288 -20.04 -3.26 1.64
N LEU B 289 -20.21 -4.14 0.67
CA LEU B 289 -21.51 -4.72 0.38
C LEU B 289 -21.94 -5.75 1.43
N GLY B 290 -20.97 -6.44 2.03
CA GLY B 290 -21.26 -7.51 2.99
C GLY B 290 -21.74 -7.05 4.36
N PRO B 291 -22.47 -7.92 5.07
CA PRO B 291 -23.13 -7.62 6.34
C PRO B 291 -22.22 -7.49 7.57
N ILE B 292 -21.13 -8.25 7.61
CA ILE B 292 -20.20 -8.22 8.73
C ILE B 292 -19.51 -6.87 8.76
N ALA B 293 -19.14 -6.39 7.58
CA ALA B 293 -18.48 -5.12 7.45
C ALA B 293 -19.45 -3.96 7.58
N LEU B 294 -20.71 -4.18 7.15
CA LEU B 294 -21.79 -3.22 7.41
C LEU B 294 -21.98 -3.02 8.92
N ALA B 295 -21.97 -4.13 9.67
CA ALA B 295 -22.04 -4.10 11.14
C ALA B 295 -20.91 -3.28 11.76
N ALA B 296 -19.69 -3.48 11.24
CA ALA B 296 -18.52 -2.70 11.64
C ALA B 296 -18.73 -1.20 11.39
N CYS B 297 -19.30 -0.84 10.24
CA CYS B 297 -19.61 0.56 9.91
C CYS B 297 -20.55 1.20 10.91
N LEU B 298 -21.62 0.47 11.24
CA LEU B 298 -22.64 0.94 12.17
C LEU B 298 -22.08 1.25 13.54
N HIS B 299 -21.17 0.40 14.03
CA HIS B 299 -20.54 0.63 15.33
C HIS B 299 -19.72 1.91 15.37
N VAL B 300 -19.09 2.24 14.24
CA VAL B 300 -18.35 3.49 14.10
C VAL B 300 -19.31 4.70 14.03
N ASP B 301 -20.41 4.54 13.29
CA ASP B 301 -21.44 5.59 13.18
C ASP B 301 -22.10 5.90 14.51
N PHE B 302 -22.36 4.85 15.29
CA PHE B 302 -23.03 5.00 16.59
C PHE B 302 -22.12 5.48 17.72
N VAL B 303 -20.85 5.74 17.43
CA VAL B 303 -19.96 6.37 18.42
C VAL B 303 -19.37 7.70 17.93
N SER B 304 -19.43 7.94 16.62
CA SER B 304 -18.86 9.17 16.05
C SER B 304 -19.95 10.20 15.77
N TRP B 305 -19.84 11.33 16.46
CA TRP B 305 -20.84 12.39 16.42
C TRP B 305 -20.93 13.03 15.03
N ASN B 306 -19.78 13.11 14.36
CA ASN B 306 -19.67 13.69 13.03
C ASN B 306 -20.11 12.76 11.89
N ALA B 307 -20.51 11.54 12.21
CA ALA B 307 -21.05 10.63 11.19
C ALA B 307 -22.48 11.08 10.87
N THR B 308 -22.75 11.33 9.60
CA THR B 308 -24.04 11.89 9.20
C THR B 308 -24.88 10.96 8.32
N LEU B 309 -24.22 10.28 7.39
CA LEU B 309 -24.86 9.40 6.42
C LEU B 309 -24.14 8.08 6.33
N GLN B 310 -24.87 7.05 5.93
CA GLN B 310 -24.30 5.72 5.87
C GLN B 310 -24.78 4.99 4.63
N GLU B 311 -23.85 4.70 3.73
CA GLU B 311 -24.13 3.99 2.49
C GLU B 311 -24.32 2.49 2.75
N GLN B 312 -25.37 1.92 2.17
CA GLN B 312 -25.62 0.48 2.23
C GLN B 312 -26.27 -0.07 0.96
N SER B 313 -26.05 -1.35 0.69
CA SER B 313 -26.59 -2.00 -0.52
C SER B 313 -27.59 -3.11 -0.19
N MET B 314 -28.86 -2.71 -0.04
CA MET B 314 -29.94 -3.66 0.27
C MET B 314 -30.78 -3.93 -0.98
N GLY B 315 -31.37 -5.12 -1.04
CA GLY B 315 -32.22 -5.50 -2.17
C GLY B 315 -33.69 -5.37 -1.87
N ALA B 322 -32.32 -8.12 0.21
CA ALA B 322 -32.72 -9.35 -0.46
C ALA B 322 -31.52 -10.23 -0.84
N GLU B 323 -30.30 -9.68 -0.68
CA GLU B 323 -29.07 -10.40 -1.05
C GLU B 323 -27.99 -10.29 0.02
N LEU B 324 -27.94 -9.14 0.70
CA LEU B 324 -27.01 -8.88 1.80
C LEU B 324 -27.33 -9.75 3.02
N LEU B 325 -28.61 -10.04 3.21
CA LEU B 325 -29.11 -10.68 4.43
C LEU B 325 -29.16 -12.22 4.37
N ASP B 326 -28.47 -12.81 3.40
CA ASP B 326 -28.52 -14.27 3.19
C ASP B 326 -27.71 -15.10 4.17
N TYR B 327 -26.54 -14.60 4.57
CA TYR B 327 -25.65 -15.31 5.50
C TYR B 327 -25.89 -14.87 6.94
N VAL B 328 -26.82 -13.95 7.10
CA VAL B 328 -27.21 -13.42 8.39
C VAL B 328 -28.56 -14.03 8.79
N ARG B 329 -28.62 -14.59 9.99
CA ARG B 329 -29.83 -15.23 10.50
CA ARG B 329 -29.83 -15.23 10.48
C ARG B 329 -30.75 -14.23 11.19
N ASN B 330 -30.16 -13.23 11.84
CA ASN B 330 -30.90 -12.18 12.54
C ASN B 330 -31.15 -10.97 11.65
N LYS B 331 -31.87 -11.20 10.55
CA LYS B 331 -32.10 -10.19 9.49
C LYS B 331 -32.81 -8.92 9.98
N ALA B 332 -33.73 -9.09 10.94
CA ALA B 332 -34.52 -8.00 11.51
C ALA B 332 -33.71 -6.93 12.25
N ASP B 333 -32.51 -7.29 12.71
CA ASP B 333 -31.59 -6.35 13.38
C ASP B 333 -31.06 -5.27 12.43
N PHE B 334 -31.11 -5.54 11.13
CA PHE B 334 -30.61 -4.60 10.10
C PHE B 334 -31.73 -4.07 9.20
N ALA B 335 -32.96 -4.16 9.69
CA ALA B 335 -34.12 -3.63 9.00
C ALA B 335 -34.13 -2.11 9.06
N LEU B 336 -34.71 -1.49 8.04
CA LEU B 336 -34.71 -0.04 7.93
C LEU B 336 -36.11 0.55 8.07
N GLU B 337 -36.21 1.65 8.80
CA GLU B 337 -37.46 2.40 8.94
C GLU B 337 -37.20 3.86 8.64
N GLY B 338 -37.85 4.37 7.60
CA GLY B 338 -37.71 5.77 7.19
C GLY B 338 -36.31 6.13 6.71
N GLY B 339 -35.58 5.13 6.23
CA GLY B 339 -34.17 5.30 5.85
C GLY B 339 -33.21 5.25 7.03
N TYR B 340 -33.67 4.71 8.16
CA TYR B 340 -32.83 4.64 9.36
C TYR B 340 -32.59 3.20 9.81
N ILE B 341 -31.40 2.97 10.34
CA ILE B 341 -31.05 1.68 10.92
C ILE B 341 -30.86 1.84 12.43
N ARG B 342 -31.29 0.83 13.18
CA ARG B 342 -31.15 0.81 14.63
C ARG B 342 -29.74 0.31 14.99
N PRO B 343 -29.29 0.53 16.24
CA PRO B 343 -28.00 -0.03 16.62
C PRO B 343 -28.03 -1.55 16.63
N PRO B 344 -26.90 -2.20 16.31
CA PRO B 344 -26.81 -3.65 16.44
C PRO B 344 -27.13 -4.10 17.88
N ARG B 345 -27.90 -5.17 17.99
CA ARG B 345 -28.51 -5.60 19.24
C ARG B 345 -27.72 -6.73 19.92
N LEU B 346 -27.21 -7.66 19.11
CA LEU B 346 -26.50 -8.83 19.63
C LEU B 346 -25.07 -8.46 20.03
N PRO B 347 -24.46 -9.23 20.97
CA PRO B 347 -23.08 -8.94 21.38
C PRO B 347 -22.09 -9.04 20.25
N GLY B 348 -21.00 -8.28 20.35
CA GLY B 348 -19.98 -8.21 19.30
C GLY B 348 -20.41 -7.30 18.18
N LEU B 349 -20.20 -7.72 16.94
CA LEU B 349 -20.61 -6.93 15.78
C LEU B 349 -22.12 -6.94 15.57
N GLY B 350 -22.79 -7.97 16.08
CA GLY B 350 -24.25 -8.02 16.07
C GLY B 350 -24.80 -8.84 14.93
N VAL B 351 -23.94 -9.67 14.35
CA VAL B 351 -24.31 -10.57 13.27
C VAL B 351 -24.29 -12.02 13.74
N ASP B 352 -25.42 -12.70 13.57
CA ASP B 352 -25.47 -14.13 13.77
C ASP B 352 -25.22 -14.76 12.42
N ILE B 353 -24.01 -15.30 12.27
CA ILE B 353 -23.57 -15.79 10.97
C ILE B 353 -23.95 -17.25 10.79
N ASP B 354 -24.69 -17.52 9.71
CA ASP B 354 -25.01 -18.87 9.28
C ASP B 354 -23.77 -19.55 8.74
N GLU B 355 -22.96 -20.09 9.65
CA GLU B 355 -21.65 -20.66 9.35
C GLU B 355 -21.76 -21.89 8.43
N ALA B 356 -22.84 -22.63 8.58
CA ALA B 356 -23.04 -23.84 7.80
C ALA B 356 -23.39 -23.53 6.35
N LEU B 357 -24.04 -22.40 6.11
CA LEU B 357 -24.30 -21.90 4.75
C LEU B 357 -23.02 -21.32 4.16
N VAL B 358 -22.25 -20.65 5.02
CA VAL B 358 -20.97 -20.05 4.65
C VAL B 358 -20.04 -21.13 4.09
N ILE B 359 -19.87 -22.22 4.83
CA ILE B 359 -19.06 -23.37 4.42
C ILE B 359 -19.59 -24.01 3.13
N GLU B 360 -20.91 -24.23 3.08
CA GLU B 360 -21.61 -24.83 1.94
C GLU B 360 -21.31 -24.08 0.65
N ARG B 361 -21.48 -22.77 0.68
CA ARG B 361 -21.27 -21.94 -0.49
C ARG B 361 -19.80 -21.62 -0.79
N SER B 362 -18.90 -21.85 0.16
CA SER B 362 -17.46 -21.61 -0.05
CA SER B 362 -17.47 -21.60 -0.06
C SER B 362 -16.85 -22.68 -0.95
N LYS B 363 -17.53 -23.84 -1.01
CA LYS B 363 -17.10 -24.94 -1.87
C LYS B 363 -17.33 -24.62 -3.34
N GLU B 364 -18.38 -23.86 -3.62
CA GLU B 364 -18.84 -23.60 -5.00
C GLU B 364 -18.50 -22.20 -5.54
N ALA B 365 -17.48 -21.55 -4.97
CA ALA B 365 -17.12 -20.19 -5.37
C ALA B 365 -15.85 -20.11 -6.23
N PRO B 366 -15.98 -19.65 -7.49
CA PRO B 366 -14.84 -19.42 -8.39
C PRO B 366 -14.28 -17.99 -8.28
N ASP B 367 -13.24 -17.70 -9.05
CA ASP B 367 -12.56 -16.39 -9.01
C ASP B 367 -13.38 -15.28 -9.68
N ASN B 370 -10.85 -10.50 -13.12
CA ASN B 370 -10.14 -9.23 -13.29
C ASN B 370 -10.51 -8.54 -14.61
N PRO B 371 -11.55 -7.70 -14.59
CA PRO B 371 -11.95 -6.99 -15.80
C PRO B 371 -11.09 -5.75 -16.05
N VAL B 372 -10.32 -5.78 -17.13
CA VAL B 372 -9.45 -4.66 -17.51
C VAL B 372 -10.05 -3.89 -18.68
N TRP B 373 -10.41 -2.63 -18.42
CA TRP B 373 -11.06 -1.79 -19.42
C TRP B 373 -10.06 -0.84 -20.09
N ARG B 374 -10.22 -0.68 -21.40
CA ARG B 374 -9.30 0.12 -22.21
C ARG B 374 -9.98 1.24 -22.97
N HIS B 375 -9.26 2.35 -23.12
CA HIS B 375 -9.72 3.47 -23.95
C HIS B 375 -9.65 3.07 -25.42
N ALA B 376 -10.30 3.87 -26.28
CA ALA B 376 -10.35 3.63 -27.72
C ALA B 376 -8.96 3.55 -28.36
N ASP B 377 -8.03 4.35 -27.84
CA ASP B 377 -6.64 4.36 -28.27
C ASP B 377 -5.83 3.11 -27.84
N GLY B 378 -6.39 2.34 -26.91
CA GLY B 378 -5.84 1.04 -26.55
C GLY B 378 -5.17 0.99 -25.18
N SER B 379 -4.89 2.17 -24.61
CA SER B 379 -4.29 2.26 -23.28
C SER B 379 -5.29 1.90 -22.21
N VAL B 380 -4.79 1.39 -21.08
CA VAL B 380 -5.65 1.00 -19.97
C VAL B 380 -6.30 2.18 -19.26
N ALA B 381 -7.57 1.99 -18.93
CA ALA B 381 -8.27 2.91 -18.05
C ALA B 381 -7.95 2.52 -16.62
N GLU B 382 -7.73 3.54 -15.80
CA GLU B 382 -7.63 3.39 -14.34
C GLU B 382 -8.88 2.67 -13.82
N TRP B 383 -8.65 1.71 -12.92
CA TRP B 383 -9.71 0.85 -12.38
C TRP B 383 -10.85 1.61 -11.71
N ALA B 384 -12.07 1.15 -11.98
CA ALA B 384 -13.29 1.69 -11.39
C ALA B 384 -14.11 0.59 -10.71
N GLU B 385 -15.04 1.02 -9.84
CA GLU B 385 -15.92 0.13 -9.09
C GLU B 385 -16.88 -0.69 -9.97
N ASN B 386 -17.14 -0.17 -11.19
CA ASN B 386 -18.04 -0.79 -12.16
C ASN B 386 -17.73 -2.24 -12.56
N LEU B 387 -16.49 -2.67 -12.29
CA LEU B 387 -16.00 -4.02 -12.57
C LEU B 387 -16.71 -5.11 -11.77
#